data_3Q4T
#
_entry.id   3Q4T
#
_cell.length_a   110.100
_cell.length_b   110.100
_cell.length_c   206.911
_cell.angle_alpha   90.00
_cell.angle_beta   90.00
_cell.angle_gamma   120.00
#
_symmetry.space_group_name_H-M   'P 65 2 2'
#
loop_
_entity.id
_entity.type
_entity.pdbx_description
1 polymer 'Activin receptor type-2A'
2 non-polymer 6-[4-(2-piperidin-1-ylethoxy)phenyl]-3-pyridin-4-ylpyrazolo[1,5-a]pyrimidine
3 non-polymer 'SULFATE ION'
4 non-polymer 1,2-ETHANEDIOL
5 non-polymer 'TETRAETHYLENE GLYCOL'
6 water water
#
_entity_poly.entity_id   1
_entity_poly.type   'polypeptide(L)'
_entity_poly.pdbx_seq_one_letter_code
;MGHHHHHHSSGVDLGTENLYFQSMPLQLLEVKARGRFGCVWKAQLLNEYVAVKIFPIQDKQSWQNEYEVYSLPGMKHENI
LQFIGAEKRGTSVDVDLWLITAFHEKGSLSDFLKANVVSWNELCHIAETMARGLAYLHEDIPGLKDGHKPAISHRDIKSK
NVLLKNNLTACIADFGLALKFEAGKSAGDTHGQVGTRRYMAPEVLEGAINFQRDAFLRIDMYAMGLVLWELASRCTAADG
PVDEYMLPFEEEIGQHPSLEDMQEVVVHKKKRPVLRDYWQKHAGMAMLCETIEECWDHDAEARLSAGCVGERITQMQRLT
NI
;
_entity_poly.pdbx_strand_id   A,B
#
loop_
_chem_comp.id
_chem_comp.type
_chem_comp.name
_chem_comp.formula
EDO non-polymer 1,2-ETHANEDIOL 'C2 H6 O2'
PG4 non-polymer 'TETRAETHYLENE GLYCOL' 'C8 H18 O5'
SO4 non-polymer 'SULFATE ION' 'O4 S -2'
TAK non-polymer 6-[4-(2-piperidin-1-ylethoxy)phenyl]-3-pyridin-4-ylpyrazolo[1,5-a]pyrimidine 'C24 H25 N5 O'
#
# COMPACT_ATOMS: atom_id res chain seq x y z
N LEU A 14 36.55 4.12 14.29
CA LEU A 14 37.34 5.23 14.90
C LEU A 14 36.47 6.50 15.11
N GLY A 15 35.17 6.36 14.93
CA GLY A 15 34.25 7.50 14.93
C GLY A 15 33.46 7.61 16.22
N THR A 16 34.03 8.30 17.21
CA THR A 16 33.31 8.59 18.46
C THR A 16 32.55 9.93 18.37
N GLU A 17 32.90 10.77 17.38
CA GLU A 17 32.26 12.07 17.18
C GLU A 17 30.99 11.94 16.40
N ASN A 18 29.95 12.62 16.88
CA ASN A 18 28.68 12.68 16.17
C ASN A 18 28.30 14.11 15.81
N LEU A 19 27.47 14.22 14.78
CA LEU A 19 26.68 15.45 14.53
C LEU A 19 25.40 15.27 15.35
N TYR A 20 24.67 16.36 15.54
CA TYR A 20 23.46 16.30 16.30
C TYR A 20 22.34 16.98 15.53
N PHE A 21 21.19 16.31 15.54
CA PHE A 21 19.98 16.79 14.92
C PHE A 21 18.86 16.65 15.96
N GLN A 22 18.32 17.77 16.45
CA GLN A 22 17.28 17.74 17.53
C GLN A 22 17.75 16.97 18.76
N SER A 23 18.97 17.30 19.18
CA SER A 23 19.59 16.68 20.34
C SER A 23 19.91 15.19 20.17
N MET A 24 19.65 14.60 19.00
CA MET A 24 19.96 13.19 18.77
C MET A 24 21.26 13.00 17.95
N PRO A 25 22.07 11.98 18.27
CA PRO A 25 23.32 11.77 17.55
C PRO A 25 23.09 11.24 16.15
N LEU A 26 23.89 11.75 15.21
CA LEU A 26 23.80 11.35 13.80
C LEU A 26 25.18 11.20 13.20
N GLN A 27 25.39 10.17 12.41
CA GLN A 27 26.64 10.02 11.67
C GLN A 27 26.38 9.86 10.19
N LEU A 28 27.10 10.62 9.38
CA LEU A 28 27.00 10.51 7.95
C LEU A 28 27.72 9.25 7.50
N LEU A 29 27.14 8.53 6.56
CA LEU A 29 27.76 7.33 6.00
CA LEU A 29 27.77 7.33 6.02
C LEU A 29 28.37 7.60 4.63
N GLU A 30 27.50 7.79 3.64
CA GLU A 30 28.00 7.92 2.29
C GLU A 30 27.00 8.70 1.46
N VAL A 31 27.53 9.46 0.51
CA VAL A 31 26.70 10.20 -0.41
C VAL A 31 26.19 9.18 -1.42
N LYS A 32 24.87 9.12 -1.59
CA LYS A 32 24.20 8.06 -2.40
C LYS A 32 23.56 8.62 -3.67
N ALA A 33 23.16 9.88 -3.66
CA ALA A 33 22.46 10.47 -4.79
C ALA A 33 22.72 11.96 -4.90
N ARG A 34 22.55 12.45 -6.13
CA ARG A 34 22.80 13.82 -6.49
C ARG A 34 21.44 14.37 -6.88
N GLY A 35 20.92 15.25 -6.05
CA GLY A 35 19.62 15.83 -6.33
C GLY A 35 19.79 16.91 -7.37
N ARG A 36 18.67 17.31 -7.94
CA ARG A 36 18.59 18.55 -8.67
C ARG A 36 19.23 19.66 -7.81
N PHE A 37 18.86 19.66 -6.52
CA PHE A 37 19.13 20.76 -5.60
C PHE A 37 20.00 20.46 -4.36
N GLY A 38 20.16 19.21 -3.99
CA GLY A 38 21.14 18.86 -2.97
C GLY A 38 21.75 17.49 -3.19
N CYS A 39 22.79 17.15 -2.41
CA CYS A 39 23.29 15.81 -2.35
CA CYS A 39 23.33 15.81 -2.32
C CYS A 39 22.53 15.09 -1.26
N VAL A 40 22.31 13.79 -1.45
CA VAL A 40 21.60 12.95 -0.50
C VAL A 40 22.56 11.94 0.16
N TRP A 41 22.63 12.00 1.48
CA TRP A 41 23.50 11.10 2.26
C TRP A 41 22.67 10.04 2.89
N LYS A 42 23.18 8.82 2.89
CA LYS A 42 22.73 7.79 3.84
C LYS A 42 23.39 8.15 5.17
N ALA A 43 22.64 8.11 6.25
CA ALA A 43 23.17 8.49 7.55
C ALA A 43 22.52 7.59 8.58
N GLN A 44 23.06 7.56 9.79
CA GLN A 44 22.45 6.88 10.87
C GLN A 44 22.05 7.95 11.90
N LEU A 45 20.78 7.97 12.23
CA LEU A 45 20.27 8.85 13.28
C LEU A 45 19.77 7.93 14.42
N LEU A 46 20.32 8.13 15.59
CA LEU A 46 20.16 7.17 16.69
C LEU A 46 20.55 5.78 16.21
N ASN A 47 19.56 4.91 16.08
CA ASN A 47 19.77 3.53 15.68
C ASN A 47 19.03 3.16 14.40
N GLU A 48 18.76 4.14 13.57
CA GLU A 48 18.06 3.91 12.31
C GLU A 48 18.77 4.64 11.19
N TYR A 49 18.67 4.10 9.97
CA TYR A 49 19.22 4.78 8.82
C TYR A 49 18.19 5.84 8.34
N VAL A 50 18.71 6.99 8.00
CA VAL A 50 17.90 8.03 7.40
C VAL A 50 18.63 8.66 6.19
N ALA A 51 17.93 9.47 5.40
CA ALA A 51 18.53 10.23 4.31
C ALA A 51 18.61 11.69 4.74
N VAL A 52 19.78 12.30 4.59
CA VAL A 52 20.00 13.72 4.83
C VAL A 52 20.31 14.38 3.53
N LYS A 53 19.39 15.23 3.08
CA LYS A 53 19.57 15.96 1.86
C LYS A 53 20.11 17.33 2.21
N ILE A 54 21.28 17.64 1.69
CA ILE A 54 21.99 18.86 1.99
C ILE A 54 22.02 19.76 0.76
N PHE A 55 21.49 20.97 0.93
CA PHE A 55 21.37 21.96 -0.11
C PHE A 55 22.38 23.07 0.18
N PRO A 56 23.06 23.59 -0.84
CA PRO A 56 23.81 24.82 -0.59
C PRO A 56 22.84 25.96 -0.39
N ILE A 57 23.32 27.02 0.25
CA ILE A 57 22.52 28.22 0.58
C ILE A 57 21.86 28.88 -0.64
N GLN A 58 22.53 28.82 -1.78
CA GLN A 58 21.98 29.38 -3.01
C GLN A 58 20.72 28.67 -3.50
N ASP A 59 20.51 27.42 -3.08
CA ASP A 59 19.28 26.68 -3.35
CA ASP A 59 19.23 26.78 -3.38
C ASP A 59 18.29 26.69 -2.17
N LYS A 60 18.31 27.76 -1.37
CA LYS A 60 17.40 27.91 -0.23
C LYS A 60 15.94 27.86 -0.63
N GLN A 61 15.63 28.35 -1.82
CA GLN A 61 14.23 28.42 -2.27
C GLN A 61 13.62 27.03 -2.43
N SER A 62 14.39 26.08 -2.94
CA SER A 62 13.92 24.72 -3.15
C SER A 62 13.82 23.94 -1.83
N TRP A 63 14.82 24.10 -0.97
CA TRP A 63 14.76 23.60 0.39
C TRP A 63 13.53 24.10 1.12
N GLN A 64 13.32 25.41 1.09
CA GLN A 64 12.13 26.02 1.70
C GLN A 64 10.80 25.51 1.14
N ASN A 65 10.77 25.35 -0.18
CA ASN A 65 9.62 24.79 -0.85
C ASN A 65 9.33 23.35 -0.39
N GLU A 66 10.33 22.51 -0.34
CA GLU A 66 10.11 21.14 0.08
C GLU A 66 9.65 21.02 1.57
N TYR A 67 10.27 21.84 2.42
CA TYR A 67 9.90 22.01 3.82
C TYR A 67 8.44 22.51 3.97
N GLU A 68 8.08 23.52 3.20
CA GLU A 68 6.71 23.99 3.20
C GLU A 68 5.73 22.92 2.76
N VAL A 69 6.07 22.20 1.70
CA VAL A 69 5.16 21.16 1.22
C VAL A 69 5.02 20.08 2.29
N TYR A 70 6.12 19.64 2.88
CA TYR A 70 6.01 18.62 3.87
C TYR A 70 5.34 19.14 5.12
N SER A 71 5.19 20.45 5.25
CA SER A 71 4.51 21.03 6.40
C SER A 71 3.02 21.17 6.20
N LEU A 72 2.51 20.82 5.03
CA LEU A 72 1.10 21.00 4.74
C LEU A 72 0.33 19.91 5.48
N PRO A 73 -0.95 20.14 5.79
CA PRO A 73 -1.78 19.13 6.40
C PRO A 73 -1.85 17.83 5.59
N GLY A 74 -1.76 16.71 6.30
CA GLY A 74 -1.99 15.43 5.68
C GLY A 74 -0.81 14.86 4.93
N MET A 75 0.38 15.46 5.04
CA MET A 75 1.54 15.00 4.28
C MET A 75 2.37 13.92 4.99
N LYS A 76 1.65 12.89 5.44
CA LYS A 76 2.16 11.64 5.89
C LYS A 76 1.28 10.56 5.28
N HIS A 77 1.89 9.61 4.56
CA HIS A 77 1.16 8.62 3.78
C HIS A 77 2.15 7.56 3.34
N GLU A 78 1.75 6.26 3.35
CA GLU A 78 2.67 5.18 2.97
C GLU A 78 3.40 5.46 1.61
N ASN A 79 2.73 6.17 0.70
CA ASN A 79 3.24 6.40 -0.63
C ASN A 79 3.77 7.82 -0.85
N ILE A 80 4.11 8.50 0.24
CA ILE A 80 4.86 9.73 0.19
C ILE A 80 6.11 9.55 1.08
N LEU A 81 7.28 9.84 0.53
CA LEU A 81 8.53 9.65 1.27
C LEU A 81 8.39 10.38 2.60
N GLN A 82 8.72 9.67 3.68
CA GLN A 82 8.43 10.13 5.00
C GLN A 82 9.38 11.22 5.45
N PHE A 83 8.83 12.39 5.76
CA PHE A 83 9.56 13.49 6.33
C PHE A 83 9.92 13.27 7.81
N ILE A 84 11.14 13.65 8.14
CA ILE A 84 11.63 13.55 9.53
C ILE A 84 11.85 14.94 10.13
N GLY A 85 12.49 15.82 9.38
CA GLY A 85 12.72 17.18 9.82
C GLY A 85 13.61 17.94 8.84
N ALA A 86 13.70 19.25 9.06
CA ALA A 86 14.52 20.21 8.27
C ALA A 86 15.02 21.32 9.16
N GLU A 87 16.20 21.85 8.84
CA GLU A 87 16.93 22.82 9.67
C GLU A 87 17.97 23.50 8.79
N LYS A 88 18.20 24.80 9.03
CA LYS A 88 19.40 25.49 8.61
C LYS A 88 20.54 25.14 9.55
N ARG A 89 21.72 24.90 9.02
CA ARG A 89 22.85 24.43 9.80
C ARG A 89 23.99 25.43 9.68
N GLY A 90 24.82 25.51 10.71
CA GLY A 90 26.10 26.17 10.59
C GLY A 90 26.03 27.61 11.09
N THR A 91 27.02 28.41 10.69
CA THR A 91 27.10 29.80 11.09
C THR A 91 26.49 30.68 10.00
N SER A 92 25.97 31.85 10.37
CA SER A 92 25.39 32.77 9.38
C SER A 92 26.43 33.13 8.30
N VAL A 93 27.71 32.94 8.63
CA VAL A 93 28.76 32.98 7.61
C VAL A 93 28.69 31.75 6.68
N ASP A 94 28.66 30.56 7.28
CA ASP A 94 28.87 29.27 6.58
C ASP A 94 27.67 28.30 6.75
N VAL A 95 26.68 28.45 5.88
CA VAL A 95 25.35 27.84 6.07
C VAL A 95 25.12 26.65 5.12
N ASP A 96 24.57 25.57 5.64
CA ASP A 96 23.98 24.50 4.84
C ASP A 96 22.53 24.34 5.26
N LEU A 97 21.72 23.77 4.39
CA LEU A 97 20.28 23.49 4.68
C LEU A 97 20.10 21.99 4.63
N TRP A 98 19.45 21.40 5.65
CA TRP A 98 19.28 19.96 5.71
C TRP A 98 17.82 19.64 5.66
N LEU A 99 17.50 18.56 4.94
CA LEU A 99 16.15 18.02 5.00
C LEU A 99 16.31 16.53 5.16
N ILE A 100 15.76 15.99 6.24
CA ILE A 100 15.94 14.58 6.60
C ILE A 100 14.63 13.85 6.35
N THR A 101 14.76 12.70 5.68
CA THR A 101 13.66 11.83 5.37
C THR A 101 14.02 10.44 5.74
N ALA A 102 13.09 9.50 5.61
CA ALA A 102 13.42 8.07 5.69
C ALA A 102 14.42 7.73 4.56
N PHE A 103 15.18 6.65 4.77
CA PHE A 103 16.10 6.09 3.79
C PHE A 103 15.54 4.73 3.27
N HIS A 104 15.64 4.53 1.97
CA HIS A 104 15.15 3.33 1.29
C HIS A 104 16.29 2.73 0.49
N GLU A 105 16.83 1.65 1.03
CA GLU A 105 18.07 1.04 0.50
C GLU A 105 17.97 0.53 -0.95
N LYS A 106 16.77 0.22 -1.44
CA LYS A 106 16.67 -0.18 -2.84
C LYS A 106 16.76 1.03 -3.75
N GLY A 107 16.70 2.24 -3.21
CA GLY A 107 16.84 3.41 -4.06
C GLY A 107 15.63 3.71 -4.94
N SER A 108 15.87 4.40 -6.06
CA SER A 108 14.78 4.87 -6.90
C SER A 108 14.36 3.78 -7.87
N LEU A 109 13.15 3.93 -8.40
CA LEU A 109 12.63 3.04 -9.43
C LEU A 109 13.61 2.98 -10.62
N SER A 110 14.23 4.12 -10.94
CA SER A 110 15.26 4.17 -12.02
C SER A 110 16.46 3.24 -11.75
N ASP A 111 17.05 3.38 -10.56
CA ASP A 111 18.14 2.51 -10.09
C ASP A 111 17.74 1.03 -10.16
N PHE A 112 16.53 0.72 -9.70
CA PHE A 112 16.05 -0.66 -9.65
C PHE A 112 15.85 -1.26 -11.06
N LEU A 113 15.11 -0.52 -11.89
CA LEU A 113 14.85 -0.96 -13.25
C LEU A 113 16.15 -1.08 -14.05
N LYS A 114 17.17 -0.31 -13.69
CA LYS A 114 18.46 -0.44 -14.34
C LYS A 114 19.09 -1.81 -14.00
N ALA A 115 18.95 -2.26 -12.76
CA ALA A 115 19.54 -3.52 -12.34
C ALA A 115 18.60 -4.74 -12.49
N ASN A 116 17.30 -4.53 -12.64
CA ASN A 116 16.36 -5.62 -12.63
C ASN A 116 15.26 -5.50 -13.64
N VAL A 117 14.78 -6.66 -14.08
CA VAL A 117 13.52 -6.76 -14.76
C VAL A 117 12.46 -6.91 -13.69
N VAL A 118 11.21 -6.63 -14.05
CA VAL A 118 10.08 -6.84 -13.15
C VAL A 118 9.05 -7.82 -13.77
N SER A 119 8.48 -8.65 -12.91
CA SER A 119 7.41 -9.55 -13.33
C SER A 119 6.13 -8.71 -13.42
N TRP A 120 5.09 -9.27 -14.00
CA TRP A 120 3.81 -8.59 -14.07
C TRP A 120 3.30 -8.24 -12.67
N ASN A 121 3.43 -9.18 -11.73
CA ASN A 121 2.93 -8.91 -10.39
C ASN A 121 3.73 -7.83 -9.68
N GLU A 122 5.05 -7.87 -9.82
CA GLU A 122 5.90 -6.81 -9.33
C GLU A 122 5.58 -5.44 -9.95
N LEU A 123 5.34 -5.40 -11.27
CA LEU A 123 4.98 -4.17 -11.95
C LEU A 123 3.67 -3.59 -11.43
N CYS A 124 2.69 -4.44 -11.19
CA CYS A 124 1.37 -4.01 -10.78
C CYS A 124 1.46 -3.36 -9.37
N HIS A 125 2.23 -3.98 -8.50
CA HIS A 125 2.42 -3.44 -7.15
C HIS A 125 3.11 -2.08 -7.20
N ILE A 126 4.20 -1.95 -7.94
CA ILE A 126 4.91 -0.64 -8.07
C ILE A 126 3.96 0.42 -8.65
N ALA A 127 3.31 0.08 -9.74
CA ALA A 127 2.35 1.02 -10.37
C ALA A 127 1.19 1.40 -9.50
N GLU A 128 0.58 0.42 -8.80
CA GLU A 128 -0.54 0.75 -7.95
C GLU A 128 -0.13 1.70 -6.82
N THR A 129 1.01 1.42 -6.19
CA THR A 129 1.43 2.20 -5.02
C THR A 129 1.88 3.58 -5.45
N MET A 130 2.58 3.66 -6.60
CA MET A 130 2.96 4.91 -7.20
C MET A 130 1.76 5.77 -7.53
N ALA A 131 0.77 5.19 -8.18
CA ALA A 131 -0.40 5.93 -8.60
C ALA A 131 -1.25 6.36 -7.39
N ARG A 132 -1.27 5.54 -6.34
CA ARG A 132 -1.94 5.91 -5.08
C ARG A 132 -1.29 7.16 -4.43
N GLY A 133 0.03 7.22 -4.43
CA GLY A 133 0.73 8.35 -3.85
C GLY A 133 0.54 9.62 -4.64
N LEU A 134 0.61 9.53 -5.97
CA LEU A 134 0.37 10.68 -6.83
C LEU A 134 -1.07 11.15 -6.70
N ALA A 135 -2.02 10.22 -6.65
CA ALA A 135 -3.43 10.58 -6.56
C ALA A 135 -3.72 11.30 -5.25
N TYR A 136 -3.14 10.81 -4.16
CA TYR A 136 -3.22 11.47 -2.83
C TYR A 136 -2.61 12.88 -2.85
N LEU A 137 -1.41 12.98 -3.41
CA LEU A 137 -0.77 14.26 -3.58
C LEU A 137 -1.66 15.26 -4.30
N HIS A 138 -2.26 14.85 -5.41
CA HIS A 138 -3.20 15.66 -6.15
C HIS A 138 -4.52 15.96 -5.49
N GLU A 139 -4.90 15.25 -4.43
CA GLU A 139 -6.24 15.41 -3.86
CA GLU A 139 -6.24 15.39 -3.84
C GLU A 139 -6.33 16.52 -2.80
N ASP A 140 -7.39 17.34 -2.92
CA ASP A 140 -7.77 18.33 -1.93
C ASP A 140 -8.63 17.60 -0.87
N ILE A 141 -8.22 17.67 0.38
CA ILE A 141 -8.88 16.93 1.45
C ILE A 141 -9.11 17.82 2.67
N PRO A 142 -10.36 18.36 2.84
CA PRO A 142 -10.68 19.06 4.09
C PRO A 142 -10.89 18.14 5.27
N GLY A 143 -10.83 18.70 6.46
CA GLY A 143 -11.25 18.04 7.68
C GLY A 143 -10.22 17.16 8.33
N LEU A 144 -8.95 17.37 8.01
CA LEU A 144 -7.87 16.65 8.68
C LEU A 144 -7.57 17.27 10.04
N LYS A 145 -7.09 16.48 10.98
CA LYS A 145 -6.75 17.05 12.28
C LYS A 145 -5.70 18.18 12.17
N ASP A 146 -4.75 18.09 11.23
CA ASP A 146 -3.73 19.14 11.05
CA ASP A 146 -3.74 19.16 11.11
C ASP A 146 -4.16 20.26 10.15
N GLY A 147 -5.40 20.21 9.63
CA GLY A 147 -5.86 21.24 8.70
C GLY A 147 -6.47 20.72 7.42
N HIS A 148 -6.49 21.58 6.42
CA HIS A 148 -7.07 21.33 5.09
C HIS A 148 -5.94 21.02 4.11
N LYS A 149 -5.90 19.79 3.61
CA LYS A 149 -4.85 19.43 2.62
C LYS A 149 -5.22 19.96 1.25
N PRO A 150 -4.38 20.84 0.67
CA PRO A 150 -4.63 21.23 -0.73
C PRO A 150 -4.16 20.21 -1.72
N ALA A 151 -4.73 20.28 -2.92
CA ALA A 151 -4.14 19.64 -4.07
C ALA A 151 -2.72 20.15 -4.25
N ILE A 152 -1.79 19.23 -4.53
CA ILE A 152 -0.40 19.57 -4.76
C ILE A 152 0.05 18.96 -6.08
N SER A 153 0.62 19.78 -6.98
CA SER A 153 1.31 19.23 -8.16
CA SER A 153 1.30 19.25 -8.17
C SER A 153 2.76 19.02 -7.79
N HIS A 154 3.37 18.01 -8.36
CA HIS A 154 4.75 17.68 -8.01
C HIS A 154 5.77 18.43 -8.87
N ARG A 155 5.50 18.46 -10.20
CA ARG A 155 6.28 19.23 -11.17
C ARG A 155 7.63 18.65 -11.53
N ASP A 156 7.92 17.45 -11.05
CA ASP A 156 9.15 16.75 -11.52
C ASP A 156 9.04 15.25 -11.37
N ILE A 157 7.91 14.72 -11.83
CA ILE A 157 7.66 13.28 -11.76
C ILE A 157 8.61 12.58 -12.76
N LYS A 158 9.22 11.50 -12.28
CA LYS A 158 10.20 10.71 -13.03
C LYS A 158 10.56 9.55 -12.14
N SER A 159 11.21 8.53 -12.72
CA SER A 159 11.50 7.31 -12.04
C SER A 159 12.52 7.56 -10.92
N LYS A 160 13.35 8.58 -11.12
CA LYS A 160 14.38 8.89 -10.12
C LYS A 160 13.78 9.48 -8.85
N ASN A 161 12.53 9.96 -8.95
CA ASN A 161 11.80 10.53 -7.83
C ASN A 161 10.72 9.61 -7.29
N VAL A 162 10.84 8.33 -7.62
CA VAL A 162 10.00 7.32 -7.00
C VAL A 162 10.95 6.37 -6.31
N LEU A 163 10.78 6.23 -5.00
CA LEU A 163 11.66 5.40 -4.21
C LEU A 163 10.92 4.12 -3.89
N LEU A 164 11.66 3.01 -3.83
CA LEU A 164 11.07 1.75 -3.50
C LEU A 164 11.44 1.22 -2.13
N LYS A 165 10.42 0.73 -1.42
CA LYS A 165 10.66 0.06 -0.15
C LYS A 165 11.08 -1.37 -0.35
N ASN A 166 11.36 -2.09 0.74
CA ASN A 166 11.89 -3.46 0.61
C ASN A 166 10.98 -4.37 -0.21
N ASN A 167 9.66 -4.22 -0.04
CA ASN A 167 8.69 -5.01 -0.80
C ASN A 167 8.26 -4.39 -2.12
N LEU A 168 9.03 -3.44 -2.63
CA LEU A 168 8.70 -2.69 -3.87
C LEU A 168 7.53 -1.72 -3.80
N THR A 169 7.04 -1.48 -2.59
CA THR A 169 6.05 -0.43 -2.42
C THR A 169 6.73 0.91 -2.83
N ALA A 170 6.07 1.67 -3.69
CA ALA A 170 6.59 2.97 -4.10
C ALA A 170 6.20 4.14 -3.21
N CYS A 171 7.08 5.15 -3.10
CA CYS A 171 6.69 6.45 -2.55
C CYS A 171 7.29 7.57 -3.36
N ILE A 172 6.55 8.64 -3.39
CA ILE A 172 6.89 9.81 -4.15
C ILE A 172 7.84 10.66 -3.31
N ALA A 173 8.92 11.07 -3.94
CA ALA A 173 9.93 11.85 -3.29
C ALA A 173 10.19 13.16 -4.01
N ASP A 174 10.89 14.05 -3.29
CA ASP A 174 11.46 15.30 -3.83
C ASP A 174 10.45 16.40 -4.25
N PHE A 175 10.08 17.18 -3.26
CA PHE A 175 9.04 18.21 -3.42
C PHE A 175 9.59 19.62 -3.52
N GLY A 176 10.84 19.72 -3.93
CA GLY A 176 11.49 21.00 -4.13
C GLY A 176 10.85 21.89 -5.17
N LEU A 177 10.17 21.28 -6.17
CA LEU A 177 9.45 22.06 -7.19
C LEU A 177 7.93 22.07 -7.03
N ALA A 178 7.43 21.34 -6.04
CA ALA A 178 6.01 21.12 -5.87
C ALA A 178 5.21 22.42 -5.61
N LEU A 179 3.98 22.43 -6.07
CA LEU A 179 3.15 23.65 -6.00
C LEU A 179 1.76 23.31 -5.51
N LYS A 180 1.39 23.98 -4.40
CA LYS A 180 0.06 23.79 -3.83
C LYS A 180 -0.98 24.66 -4.54
N PHE A 181 -2.24 24.27 -4.47
CA PHE A 181 -3.32 25.12 -4.97
C PHE A 181 -4.38 25.37 -3.88
N GLU A 182 -4.68 26.64 -3.67
CA GLU A 182 -5.79 27.05 -2.80
C GLU A 182 -6.98 27.48 -3.67
N ALA A 183 -8.13 26.85 -3.46
CA ALA A 183 -9.31 27.00 -4.35
C ALA A 183 -9.86 28.44 -4.53
N GLY A 184 -9.44 29.38 -3.68
CA GLY A 184 -9.77 30.81 -3.86
C GLY A 184 -8.64 31.68 -4.41
N LYS A 185 -7.52 31.08 -4.82
CA LYS A 185 -6.39 31.83 -5.38
C LYS A 185 -5.91 31.26 -6.72
N SER A 186 -5.24 32.10 -7.51
CA SER A 186 -4.51 31.64 -8.69
C SER A 186 -3.26 30.87 -8.26
N ALA A 187 -2.79 29.97 -9.12
CA ALA A 187 -1.52 29.25 -8.91
C ALA A 187 -0.34 30.17 -8.58
N GLY A 188 0.29 29.94 -7.42
CA GLY A 188 1.37 30.77 -6.90
C GLY A 188 2.65 30.74 -7.72
N ASP A 189 3.65 31.49 -7.24
CA ASP A 189 4.90 31.73 -7.97
C ASP A 189 5.81 30.49 -7.97
N THR A 190 6.20 30.03 -9.17
CA THR A 190 7.17 28.91 -9.34
C THR A 190 8.64 29.38 -9.48
N HIS A 191 8.85 30.69 -9.35
CA HIS A 191 10.16 31.34 -9.33
C HIS A 191 11.08 30.92 -10.47
N GLY A 192 10.53 30.83 -11.69
CA GLY A 192 11.31 30.48 -12.89
C GLY A 192 11.85 29.06 -13.00
N GLN A 193 11.65 28.23 -11.97
CA GLN A 193 12.21 26.87 -11.94
C GLN A 193 11.30 25.82 -12.60
N VAL A 194 11.91 24.86 -13.31
CA VAL A 194 11.17 23.87 -14.10
C VAL A 194 11.73 22.45 -13.87
N GLY A 195 10.97 21.46 -14.29
CA GLY A 195 11.32 20.03 -14.09
C GLY A 195 12.35 19.50 -15.07
N THR A 196 12.52 18.17 -15.06
CA THR A 196 13.44 17.48 -15.96
C THR A 196 12.91 17.51 -17.39
N ARG A 197 13.69 18.09 -18.31
CA ARG A 197 13.35 18.14 -19.77
C ARG A 197 12.75 16.89 -20.37
N ARG A 198 13.45 15.78 -20.23
CA ARG A 198 13.00 14.49 -20.77
C ARG A 198 11.53 14.20 -20.46
N TYR A 199 11.07 14.60 -19.28
CA TYR A 199 9.71 14.23 -18.84
C TYR A 199 8.72 15.35 -19.06
N MET A 200 9.17 16.40 -19.71
CA MET A 200 8.34 17.59 -19.87
C MET A 200 7.26 17.39 -20.93
N ALA A 201 6.00 17.66 -20.56
CA ALA A 201 4.86 17.71 -21.52
C ALA A 201 5.02 18.74 -22.62
N PRO A 202 4.40 18.46 -23.78
CA PRO A 202 4.62 19.33 -24.94
C PRO A 202 4.24 20.78 -24.65
N GLU A 203 3.18 21.00 -23.87
CA GLU A 203 2.78 22.40 -23.54
C GLU A 203 3.84 23.13 -22.70
N VAL A 204 4.53 22.37 -21.86
CA VAL A 204 5.68 22.89 -21.09
C VAL A 204 6.87 23.20 -22.01
N LEU A 205 7.20 22.25 -22.88
CA LEU A 205 8.22 22.47 -23.89
C LEU A 205 7.96 23.66 -24.86
N GLU A 206 6.69 23.91 -25.21
CA GLU A 206 6.27 25.03 -26.07
C GLU A 206 6.47 26.37 -25.37
N GLY A 207 6.55 26.35 -24.05
CA GLY A 207 6.74 27.56 -23.27
C GLY A 207 5.41 28.18 -22.93
N ALA A 208 4.36 27.37 -22.85
CA ALA A 208 3.04 27.86 -22.46
C ALA A 208 3.06 28.41 -21.02
N ILE A 209 2.12 29.29 -20.74
CA ILE A 209 2.12 30.07 -19.51
C ILE A 209 0.71 30.20 -18.99
N ASN A 210 0.61 30.76 -17.78
CA ASN A 210 -0.66 30.91 -17.11
C ASN A 210 -1.31 29.53 -16.89
N PHE A 211 -0.48 28.51 -16.66
CA PHE A 211 -1.00 27.22 -16.25
C PHE A 211 -1.71 27.42 -14.92
N GLN A 212 -2.84 26.74 -14.74
CA GLN A 212 -3.57 26.68 -13.48
C GLN A 212 -3.67 25.23 -13.00
N ARG A 213 -4.38 25.00 -11.88
CA ARG A 213 -4.28 23.71 -11.18
C ARG A 213 -4.37 22.51 -12.11
N ASP A 214 -5.45 22.41 -12.86
CA ASP A 214 -5.69 21.22 -13.69
C ASP A 214 -4.59 21.06 -14.74
N ALA A 215 -4.04 22.16 -15.25
CA ALA A 215 -2.98 22.10 -16.24
C ALA A 215 -1.76 21.47 -15.60
N PHE A 216 -1.48 21.90 -14.36
CA PHE A 216 -0.30 21.40 -13.62
C PHE A 216 -0.46 19.90 -13.32
N LEU A 217 -1.65 19.49 -12.89
CA LEU A 217 -1.91 18.08 -12.65
C LEU A 217 -1.73 17.25 -13.95
N ARG A 218 -2.19 17.79 -15.09
CA ARG A 218 -2.06 17.09 -16.37
C ARG A 218 -0.63 16.97 -16.81
N ILE A 219 0.21 17.93 -16.40
CA ILE A 219 1.61 17.88 -16.69
C ILE A 219 2.25 16.73 -15.92
N ASP A 220 1.83 16.56 -14.66
CA ASP A 220 2.35 15.46 -13.84
C ASP A 220 1.97 14.10 -14.47
N MET A 221 0.73 14.02 -14.97
CA MET A 221 0.16 12.78 -15.54
C MET A 221 0.83 12.34 -16.84
N TYR A 222 1.30 13.31 -17.61
CA TYR A 222 2.11 13.05 -18.79
C TYR A 222 3.43 12.39 -18.36
N ALA A 223 4.11 13.01 -17.39
CA ALA A 223 5.35 12.44 -16.89
C ALA A 223 5.12 11.04 -16.32
N MET A 224 4.01 10.88 -15.62
CA MET A 224 3.61 9.57 -15.07
C MET A 224 3.46 8.50 -16.18
N GLY A 225 2.86 8.87 -17.31
CA GLY A 225 2.79 7.99 -18.48
C GLY A 225 4.18 7.46 -18.81
N LEU A 226 5.16 8.35 -18.80
CA LEU A 226 6.52 7.95 -19.19
C LEU A 226 7.10 7.00 -18.18
N VAL A 227 6.85 7.25 -16.88
CA VAL A 227 7.34 6.35 -15.84
C VAL A 227 6.70 4.97 -16.00
N LEU A 228 5.41 4.96 -16.31
CA LEU A 228 4.67 3.71 -16.49
C LEU A 228 5.22 2.96 -17.74
N TRP A 229 5.59 3.68 -18.80
CA TRP A 229 6.36 3.09 -19.90
C TRP A 229 7.69 2.47 -19.41
N GLU A 230 8.40 3.15 -18.51
CA GLU A 230 9.66 2.58 -18.04
C GLU A 230 9.45 1.21 -17.44
N LEU A 231 8.42 1.08 -16.63
CA LEU A 231 8.04 -0.21 -16.06
C LEU A 231 7.68 -1.21 -17.13
N ALA A 232 6.78 -0.81 -18.02
CA ALA A 232 6.37 -1.68 -19.16
C ALA A 232 7.59 -2.24 -19.91
N SER A 233 8.55 -1.35 -20.13
CA SER A 233 9.75 -1.67 -20.89
C SER A 233 10.65 -2.71 -20.26
N ARG A 234 10.43 -3.04 -18.98
CA ARG A 234 11.30 -3.96 -18.28
C ARG A 234 10.50 -5.13 -17.67
N CYS A 235 9.28 -5.36 -18.18
CA CYS A 235 8.39 -6.34 -17.64
C CYS A 235 8.42 -7.64 -18.47
N THR A 236 8.54 -8.77 -17.78
CA THR A 236 8.71 -10.08 -18.41
C THR A 236 7.40 -10.64 -18.95
N ALA A 237 6.29 -9.98 -18.64
CA ALA A 237 5.01 -10.29 -19.26
C ALA A 237 5.00 -9.99 -20.76
N ALA A 238 6.00 -9.25 -21.27
CA ALA A 238 6.15 -9.06 -22.72
C ALA A 238 6.29 -10.45 -23.37
N ASP A 239 5.72 -10.61 -24.55
CA ASP A 239 5.79 -11.90 -25.24
C ASP A 239 6.99 -11.90 -26.20
N GLY A 240 8.18 -11.90 -25.62
CA GLY A 240 9.44 -11.71 -26.34
C GLY A 240 10.47 -11.18 -25.37
N PRO A 241 11.66 -10.80 -25.86
CA PRO A 241 12.72 -10.43 -24.94
C PRO A 241 12.56 -9.03 -24.34
N VAL A 242 13.18 -8.86 -23.17
CA VAL A 242 13.20 -7.60 -22.44
C VAL A 242 14.56 -6.94 -22.70
N ASP A 243 14.55 -5.75 -23.27
CA ASP A 243 15.81 -5.05 -23.56
C ASP A 243 16.36 -4.44 -22.30
N GLU A 244 17.58 -3.94 -22.44
CA GLU A 244 18.26 -3.22 -21.41
C GLU A 244 17.55 -1.88 -21.13
N TYR A 245 17.66 -1.45 -19.87
CA TYR A 245 16.96 -0.26 -19.41
C TYR A 245 17.54 0.97 -20.05
N MET A 246 16.63 1.79 -20.57
CA MET A 246 16.93 3.13 -21.04
C MET A 246 15.89 4.13 -20.55
N LEU A 247 16.32 5.35 -20.29
CA LEU A 247 15.37 6.39 -19.91
C LEU A 247 14.38 6.69 -21.09
N PRO A 248 13.17 7.20 -20.77
CA PRO A 248 12.26 7.70 -21.83
C PRO A 248 12.99 8.62 -22.77
N PHE A 249 12.81 8.37 -24.06
CA PHE A 249 13.48 9.14 -25.14
C PHE A 249 14.99 8.95 -25.28
N GLU A 250 15.62 8.16 -24.43
CA GLU A 250 17.09 7.97 -24.54
C GLU A 250 17.49 7.40 -25.90
N GLU A 251 16.68 6.48 -26.39
CA GLU A 251 16.94 5.85 -27.69
C GLU A 251 17.00 6.91 -28.78
N GLU A 252 16.13 7.92 -28.69
CA GLU A 252 16.04 8.94 -29.72
C GLU A 252 17.00 10.14 -29.53
N ILE A 253 17.10 10.68 -28.30
CA ILE A 253 17.93 11.88 -28.06
C ILE A 253 19.03 11.72 -26.97
N GLY A 254 19.27 10.50 -26.53
CA GLY A 254 20.39 10.18 -25.65
C GLY A 254 20.22 10.53 -24.17
N GLN A 255 21.35 10.49 -23.47
CA GLN A 255 21.39 10.75 -22.03
C GLN A 255 21.45 12.25 -21.64
N HIS A 256 21.83 13.14 -22.56
CA HIS A 256 22.03 14.55 -22.20
C HIS A 256 21.43 15.50 -23.24
N PRO A 257 20.09 15.54 -23.36
CA PRO A 257 19.44 16.34 -24.38
C PRO A 257 19.33 17.80 -24.06
N SER A 258 19.40 18.63 -25.11
CA SER A 258 19.08 20.05 -25.02
C SER A 258 17.57 20.22 -24.92
N LEU A 259 17.16 21.40 -24.48
CA LEU A 259 15.74 21.75 -24.52
C LEU A 259 15.22 21.65 -25.99
N GLU A 260 16.05 22.08 -26.93
CA GLU A 260 15.67 22.10 -28.37
C GLU A 260 15.55 20.67 -28.91
N ASP A 261 16.43 19.77 -28.43
CA ASP A 261 16.32 18.33 -28.72
C ASP A 261 14.94 17.76 -28.35
N MET A 262 14.47 18.12 -27.16
CA MET A 262 13.22 17.63 -26.64
C MET A 262 12.04 18.24 -27.35
N GLN A 263 12.14 19.56 -27.63
CA GLN A 263 11.09 20.26 -28.36
C GLN A 263 10.88 19.57 -29.67
N GLU A 264 11.96 19.25 -30.35
CA GLU A 264 11.85 18.65 -31.66
CA GLU A 264 11.88 18.63 -31.67
C GLU A 264 11.17 17.29 -31.60
N VAL A 265 11.64 16.43 -30.70
CA VAL A 265 11.11 15.05 -30.62
C VAL A 265 9.65 14.97 -30.15
N VAL A 266 9.31 15.78 -29.15
CA VAL A 266 7.98 15.72 -28.49
C VAL A 266 6.92 16.68 -29.07
N VAL A 267 7.35 17.92 -29.34
CA VAL A 267 6.46 18.94 -29.84
C VAL A 267 6.33 18.85 -31.32
N HIS A 268 7.44 18.89 -32.03
CA HIS A 268 7.35 19.01 -33.49
C HIS A 268 7.05 17.67 -34.15
N LYS A 269 7.74 16.60 -33.73
CA LYS A 269 7.50 15.26 -34.29
C LYS A 269 6.39 14.48 -33.62
N LYS A 270 5.96 14.93 -32.45
CA LYS A 270 4.92 14.24 -31.68
C LYS A 270 5.21 12.77 -31.40
N LYS A 271 6.48 12.44 -31.17
CA LYS A 271 6.87 11.08 -30.82
C LYS A 271 6.79 10.75 -29.31
N ARG A 272 6.61 9.47 -29.00
CA ARG A 272 6.59 8.97 -27.62
C ARG A 272 7.48 7.74 -27.59
N PRO A 273 7.89 7.26 -26.39
CA PRO A 273 8.60 5.99 -26.31
C PRO A 273 7.76 4.89 -26.95
N VAL A 274 8.40 3.93 -27.59
CA VAL A 274 7.66 2.95 -28.41
C VAL A 274 6.97 1.99 -27.48
N LEU A 275 5.65 1.82 -27.66
CA LEU A 275 4.92 0.72 -27.05
C LEU A 275 4.88 -0.46 -28.01
N ARG A 276 5.71 -1.46 -27.77
CA ARG A 276 5.86 -2.56 -28.72
C ARG A 276 4.62 -3.41 -28.76
N ASP A 277 4.18 -3.79 -29.95
CA ASP A 277 3.00 -4.65 -30.11
C ASP A 277 3.13 -5.97 -29.35
N TYR A 278 4.32 -6.58 -29.34
CA TYR A 278 4.49 -7.85 -28.63
C TYR A 278 4.32 -7.72 -27.11
N TRP A 279 4.40 -6.50 -26.58
CA TRP A 279 4.17 -6.29 -25.15
C TRP A 279 2.72 -6.50 -24.80
N GLN A 280 1.84 -6.50 -25.80
CA GLN A 280 0.41 -6.37 -25.55
C GLN A 280 -0.36 -7.68 -25.84
N LYS A 281 0.37 -8.79 -25.99
CA LYS A 281 -0.26 -10.13 -26.01
C LYS A 281 -1.01 -10.34 -24.72
N HIS A 282 -0.31 -10.11 -23.60
CA HIS A 282 -0.84 -10.22 -22.25
C HIS A 282 -1.94 -9.17 -22.13
N ALA A 283 -3.14 -9.62 -21.78
CA ALA A 283 -4.33 -8.74 -21.59
C ALA A 283 -4.02 -7.52 -20.70
N GLY A 284 -3.33 -7.77 -19.61
CA GLY A 284 -3.03 -6.70 -18.65
C GLY A 284 -2.10 -5.64 -19.19
N MET A 285 -0.98 -6.11 -19.74
CA MET A 285 -0.02 -5.23 -20.40
C MET A 285 -0.68 -4.42 -21.51
N ALA A 286 -1.67 -5.03 -22.18
CA ALA A 286 -2.45 -4.33 -23.22
C ALA A 286 -3.19 -3.15 -22.61
N MET A 287 -3.85 -3.37 -21.48
CA MET A 287 -4.54 -2.30 -20.81
C MET A 287 -3.54 -1.25 -20.28
N LEU A 288 -2.36 -1.71 -19.84
CA LEU A 288 -1.31 -0.83 -19.36
C LEU A 288 -0.88 0.14 -20.47
N CYS A 289 -0.57 -0.40 -21.65
CA CYS A 289 -0.19 0.40 -22.79
C CYS A 289 -1.22 1.41 -23.24
N GLU A 290 -2.48 1.01 -23.23
CA GLU A 290 -3.60 1.93 -23.51
C GLU A 290 -3.64 3.04 -22.49
N THR A 291 -3.50 2.69 -21.21
CA THR A 291 -3.42 3.66 -20.14
C THR A 291 -2.25 4.62 -20.33
N ILE A 292 -1.07 4.10 -20.68
CA ILE A 292 0.10 4.93 -20.92
C ILE A 292 -0.17 5.94 -22.04
N GLU A 293 -0.75 5.44 -23.12
CA GLU A 293 -1.03 6.29 -24.26
C GLU A 293 -1.97 7.41 -23.89
N GLU A 294 -2.99 7.13 -23.10
CA GLU A 294 -3.90 8.19 -22.68
C GLU A 294 -3.20 9.16 -21.72
N CYS A 295 -2.25 8.69 -20.93
CA CYS A 295 -1.53 9.60 -20.02
C CYS A 295 -0.65 10.62 -20.73
N TRP A 296 -0.06 10.21 -21.85
CA TRP A 296 0.89 11.07 -22.55
C TRP A 296 0.36 11.72 -23.81
N ASP A 297 -0.97 11.68 -23.98
CA ASP A 297 -1.62 12.40 -25.08
C ASP A 297 -1.07 13.84 -25.26
N HIS A 298 -0.81 14.25 -26.49
CA HIS A 298 -0.51 15.63 -26.79
C HIS A 298 -1.60 16.56 -26.22
N ASP A 299 -2.85 16.16 -26.30
CA ASP A 299 -3.94 16.97 -25.70
C ASP A 299 -3.98 16.76 -24.20
N ALA A 300 -3.61 17.80 -23.44
CA ALA A 300 -3.59 17.74 -21.99
C ALA A 300 -4.97 17.40 -21.45
N GLU A 301 -6.00 17.98 -22.05
CA GLU A 301 -7.37 17.76 -21.58
C GLU A 301 -7.76 16.30 -21.75
N ALA A 302 -7.09 15.60 -22.66
CA ALA A 302 -7.41 14.20 -22.97
C ALA A 302 -6.84 13.22 -21.96
N ARG A 303 -5.83 13.67 -21.17
CA ARG A 303 -5.09 12.81 -20.25
C ARG A 303 -5.91 12.38 -19.05
N LEU A 304 -5.70 11.13 -18.63
CA LEU A 304 -6.30 10.57 -17.42
C LEU A 304 -5.89 11.33 -16.16
N SER A 305 -6.77 11.36 -15.17
CA SER A 305 -6.42 11.90 -13.85
C SER A 305 -5.62 10.84 -13.11
N ALA A 306 -4.98 11.23 -12.01
CA ALA A 306 -4.27 10.28 -11.14
C ALA A 306 -5.21 9.22 -10.60
N GLY A 307 -6.39 9.64 -10.17
CA GLY A 307 -7.39 8.67 -9.68
C GLY A 307 -7.85 7.69 -10.77
N CYS A 308 -8.02 8.19 -11.99
CA CYS A 308 -8.33 7.32 -13.14
C CYS A 308 -7.24 6.29 -13.44
N VAL A 309 -5.98 6.70 -13.36
CA VAL A 309 -4.89 5.76 -13.58
C VAL A 309 -4.88 4.64 -12.56
N GLY A 310 -5.18 4.98 -11.30
CA GLY A 310 -5.28 3.96 -10.23
C GLY A 310 -6.46 3.02 -10.48
N GLU A 311 -7.56 3.56 -11.01
CA GLU A 311 -8.66 2.72 -11.39
C GLU A 311 -8.24 1.72 -12.45
N ARG A 312 -7.53 2.20 -13.48
CA ARG A 312 -7.06 1.34 -14.56
C ARG A 312 -6.11 0.24 -14.06
N ILE A 313 -5.25 0.55 -13.10
CA ILE A 313 -4.25 -0.41 -12.62
C ILE A 313 -4.95 -1.48 -11.81
N THR A 314 -6.01 -1.09 -11.10
CA THR A 314 -6.92 -2.10 -10.51
C THR A 314 -7.57 -2.94 -11.59
N GLN A 315 -8.17 -2.28 -12.59
CA GLN A 315 -8.88 -3.02 -13.65
C GLN A 315 -7.94 -4.01 -14.32
N MET A 316 -6.71 -3.56 -14.54
CA MET A 316 -5.58 -4.36 -15.04
C MET A 316 -5.28 -5.67 -14.25
N GLN A 317 -5.36 -5.59 -12.93
CA GLN A 317 -5.02 -6.71 -12.04
C GLN A 317 -6.14 -7.79 -12.10
N ARG A 318 -6.91 -7.81 -13.18
CA ARG A 318 -8.13 -8.63 -13.29
C ARG A 318 -8.37 -9.03 -14.75
N SER B 10 -9.37 9.91 24.48
CA SER B 10 -8.23 9.65 23.56
C SER B 10 -8.25 10.60 22.35
N GLY B 11 -7.31 11.58 22.31
CA GLY B 11 -7.09 12.43 21.12
C GLY B 11 -6.93 13.93 21.31
N VAL B 12 -5.82 14.48 20.81
CA VAL B 12 -5.47 15.90 20.98
C VAL B 12 -6.30 16.83 20.04
N ASP B 13 -6.74 17.95 20.59
CA ASP B 13 -7.54 18.95 19.88
C ASP B 13 -6.61 20.04 19.36
N LEU B 14 -6.42 20.15 18.04
CA LEU B 14 -5.46 21.15 17.51
C LEU B 14 -6.17 22.46 17.05
N GLY B 15 -7.40 22.66 17.49
CA GLY B 15 -8.20 23.83 17.07
C GLY B 15 -8.46 23.97 15.57
N THR B 16 -8.61 22.84 14.90
CA THR B 16 -8.82 22.81 13.44
C THR B 16 -10.27 22.46 13.04
N GLU B 17 -10.60 22.80 11.80
CA GLU B 17 -11.87 22.48 11.13
C GLU B 17 -12.23 20.97 11.17
N ASN B 18 -13.49 20.65 11.46
CA ASN B 18 -13.90 19.26 11.45
C ASN B 18 -15.02 19.03 10.48
N LEU B 19 -15.17 17.75 10.14
CA LEU B 19 -16.29 17.22 9.35
C LEU B 19 -17.35 16.78 10.37
N TYR B 20 -18.47 16.25 9.87
CA TYR B 20 -19.48 15.64 10.73
C TYR B 20 -19.92 14.25 10.33
N PHE B 21 -20.26 13.47 11.36
CA PHE B 21 -20.82 12.18 11.14
C PHE B 21 -21.89 11.95 12.17
N GLN B 22 -23.12 11.79 11.69
CA GLN B 22 -24.29 11.81 12.58
C GLN B 22 -24.30 13.00 13.53
N SER B 23 -23.98 14.16 12.96
CA SER B 23 -23.90 15.43 13.65
C SER B 23 -22.82 15.54 14.73
N MET B 24 -21.95 14.56 14.82
CA MET B 24 -20.83 14.60 15.78
C MET B 24 -19.54 15.02 15.04
N PRO B 25 -18.68 15.76 15.70
CA PRO B 25 -17.47 16.23 15.05
C PRO B 25 -16.54 15.08 14.69
N LEU B 26 -16.02 15.12 13.48
CA LEU B 26 -15.08 14.10 12.99
C LEU B 26 -13.94 14.76 12.26
N GLN B 27 -12.73 14.26 12.49
CA GLN B 27 -11.54 14.62 11.76
C GLN B 27 -10.74 13.39 11.33
N LEU B 28 -10.21 13.48 10.13
CA LEU B 28 -9.35 12.44 9.61
C LEU B 28 -7.93 12.70 10.11
N LEU B 29 -7.24 11.65 10.54
CA LEU B 29 -5.90 11.86 11.02
C LEU B 29 -4.90 11.52 9.93
N GLU B 30 -4.86 10.24 9.56
CA GLU B 30 -3.95 9.78 8.53
C GLU B 30 -4.33 8.44 7.96
N VAL B 31 -3.98 8.23 6.69
CA VAL B 31 -4.26 6.99 6.06
C VAL B 31 -3.30 5.99 6.70
N LYS B 32 -3.85 4.90 7.27
CA LYS B 32 -3.04 3.90 8.00
C LYS B 32 -2.86 2.58 7.29
N ALA B 33 -3.77 2.23 6.40
CA ALA B 33 -3.70 0.96 5.70
C ALA B 33 -4.32 1.12 4.31
N ARG B 34 -3.87 0.28 3.37
CA ARG B 34 -4.36 0.26 2.00
C ARG B 34 -5.18 -0.99 1.86
N GLY B 35 -6.47 -0.81 1.65
CA GLY B 35 -7.36 -1.95 1.50
C GLY B 35 -7.35 -2.43 0.06
N ARG B 36 -7.91 -3.60 -0.14
CA ARG B 36 -8.13 -4.10 -1.50
C ARG B 36 -9.09 -3.14 -2.21
N PHE B 37 -10.08 -2.64 -1.46
CA PHE B 37 -11.17 -1.82 -2.03
C PHE B 37 -11.31 -0.41 -1.46
N GLY B 38 -10.48 -0.05 -0.52
CA GLY B 38 -10.52 1.31 0.02
C GLY B 38 -9.41 1.59 1.02
N CYS B 39 -9.14 2.87 1.24
CA CYS B 39 -8.12 3.27 2.17
CA CYS B 39 -8.12 3.29 2.17
C CYS B 39 -8.72 3.42 3.57
N VAL B 40 -7.98 2.99 4.55
CA VAL B 40 -8.41 3.06 5.92
C VAL B 40 -7.71 4.26 6.54
N TRP B 41 -8.49 5.23 6.97
CA TRP B 41 -8.00 6.31 7.79
C TRP B 41 -8.15 6.06 9.28
N LYS B 42 -7.11 6.34 10.03
CA LYS B 42 -7.34 6.69 11.44
C LYS B 42 -8.08 8.03 11.49
N ALA B 43 -9.11 8.10 12.33
CA ALA B 43 -9.93 9.30 12.48
C ALA B 43 -10.32 9.50 13.95
N GLN B 44 -10.80 10.69 14.27
CA GLN B 44 -11.33 10.97 15.56
C GLN B 44 -12.79 11.38 15.47
N LEU B 45 -13.63 10.66 16.21
CA LEU B 45 -15.06 10.96 16.29
C LEU B 45 -15.39 11.22 17.73
N LEU B 46 -15.83 12.43 18.01
CA LEU B 46 -16.01 12.91 19.36
C LEU B 46 -14.68 12.74 20.09
N ASN B 47 -14.61 11.87 21.11
CA ASN B 47 -13.38 11.71 21.91
C ASN B 47 -12.77 10.33 21.77
N GLU B 48 -13.11 9.63 20.69
CA GLU B 48 -12.62 8.30 20.48
C GLU B 48 -11.99 8.27 19.10
N TYR B 49 -11.01 7.40 18.97
CA TYR B 49 -10.46 7.10 17.69
C TYR B 49 -11.35 6.07 17.03
N VAL B 50 -11.55 6.23 15.72
CA VAL B 50 -12.25 5.24 14.91
C VAL B 50 -11.52 5.12 13.57
N ALA B 51 -11.82 4.05 12.84
CA ALA B 51 -11.34 3.90 11.47
C ALA B 51 -12.43 4.32 10.48
N VAL B 52 -12.04 5.11 9.49
CA VAL B 52 -12.94 5.47 8.40
C VAL B 52 -12.35 4.88 7.14
N LYS B 53 -13.04 3.89 6.61
CA LYS B 53 -12.64 3.27 5.39
C LYS B 53 -13.41 3.93 4.24
N ILE B 54 -12.66 4.42 3.26
CA ILE B 54 -13.20 5.22 2.15
C ILE B 54 -13.02 4.50 0.84
N PHE B 55 -14.13 4.18 0.20
CA PHE B 55 -14.10 3.43 -1.04
C PHE B 55 -14.27 4.33 -2.27
N PRO B 56 -13.45 4.11 -3.33
CA PRO B 56 -13.72 4.79 -4.61
C PRO B 56 -15.02 4.31 -5.21
N ILE B 57 -15.68 5.17 -6.01
CA ILE B 57 -16.97 4.85 -6.58
C ILE B 57 -16.95 3.51 -7.28
N GLN B 58 -15.83 3.19 -7.94
CA GLN B 58 -15.76 1.95 -8.71
C GLN B 58 -15.82 0.71 -7.84
N ASP B 59 -15.60 0.88 -6.52
CA ASP B 59 -15.63 -0.25 -5.57
C ASP B 59 -16.91 -0.21 -4.73
N LYS B 60 -17.89 0.55 -5.20
CA LYS B 60 -19.17 0.65 -4.52
C LYS B 60 -19.72 -0.70 -4.10
N GLN B 61 -19.56 -1.70 -4.95
CA GLN B 61 -20.05 -3.05 -4.66
C GLN B 61 -19.46 -3.65 -3.37
N SER B 62 -18.19 -3.37 -3.09
CA SER B 62 -17.51 -3.95 -1.94
C SER B 62 -17.96 -3.25 -0.66
N TRP B 63 -18.15 -1.94 -0.78
CA TRP B 63 -18.78 -1.15 0.27
C TRP B 63 -20.12 -1.70 0.58
N GLN B 64 -20.94 -1.91 -0.45
CA GLN B 64 -22.28 -2.39 -0.27
C GLN B 64 -22.28 -3.77 0.40
N ASN B 65 -21.37 -4.64 -0.05
CA ASN B 65 -21.24 -5.97 0.48
C ASN B 65 -20.88 -5.99 1.97
N GLU B 66 -19.91 -5.14 2.31
CA GLU B 66 -19.49 -5.01 3.70
C GLU B 66 -20.58 -4.47 4.59
N TYR B 67 -21.25 -3.41 4.15
CA TYR B 67 -22.41 -2.91 4.87
C TYR B 67 -23.50 -3.99 5.05
N GLU B 68 -23.78 -4.77 4.02
CA GLU B 68 -24.77 -5.86 4.12
C GLU B 68 -24.32 -6.91 5.12
N VAL B 69 -23.05 -7.30 5.08
CA VAL B 69 -22.56 -8.31 6.01
C VAL B 69 -22.77 -7.84 7.44
N TYR B 70 -22.38 -6.60 7.68
CA TYR B 70 -22.51 -6.04 8.98
C TYR B 70 -23.97 -5.81 9.38
N SER B 71 -24.92 -5.86 8.43
CA SER B 71 -26.31 -5.67 8.74
C SER B 71 -26.99 -7.02 8.93
N LEU B 72 -26.28 -8.14 8.77
CA LEU B 72 -26.84 -9.44 9.07
C LEU B 72 -27.06 -9.59 10.59
N PRO B 73 -27.92 -10.53 10.97
CA PRO B 73 -28.17 -10.79 12.37
C PRO B 73 -26.93 -11.22 13.10
N GLY B 74 -26.85 -10.76 14.34
CA GLY B 74 -25.81 -11.23 15.28
C GLY B 74 -24.39 -10.81 14.94
N MET B 75 -24.24 -9.75 14.15
CA MET B 75 -22.91 -9.30 13.74
C MET B 75 -22.28 -8.25 14.64
N LYS B 76 -22.36 -8.53 15.93
CA LYS B 76 -21.64 -7.85 16.99
C LYS B 76 -21.05 -8.93 17.90
N HIS B 77 -19.74 -8.91 18.09
CA HIS B 77 -19.03 -9.98 18.80
C HIS B 77 -17.63 -9.43 19.10
N GLU B 78 -17.08 -9.82 20.25
CA GLU B 78 -15.73 -9.40 20.67
CA GLU B 78 -15.73 -9.42 20.68
C GLU B 78 -14.65 -9.69 19.62
N ASN B 79 -14.84 -10.75 18.82
CA ASN B 79 -13.85 -11.16 17.83
C ASN B 79 -14.22 -10.89 16.36
N ILE B 80 -15.19 -9.99 16.18
CA ILE B 80 -15.52 -9.36 14.92
C ILE B 80 -15.32 -7.85 15.06
N LEU B 81 -14.58 -7.26 14.12
CA LEU B 81 -14.27 -5.82 14.16
C LEU B 81 -15.57 -5.05 14.31
N GLN B 82 -15.61 -4.19 15.31
CA GLN B 82 -16.88 -3.53 15.65
C GLN B 82 -17.32 -2.51 14.63
N PHE B 83 -18.52 -2.74 14.05
CA PHE B 83 -19.13 -1.80 13.13
C PHE B 83 -19.71 -0.58 13.86
N ILE B 84 -19.42 0.63 13.35
CA ILE B 84 -19.97 1.86 13.91
C ILE B 84 -21.04 2.44 12.99
N GLY B 85 -20.80 2.48 11.70
CA GLY B 85 -21.75 3.10 10.78
C GLY B 85 -21.27 3.05 9.36
N ALA B 86 -22.19 3.23 8.40
CA ALA B 86 -21.81 3.33 6.99
C ALA B 86 -22.65 4.46 6.36
N GLU B 87 -22.09 5.16 5.41
CA GLU B 87 -22.80 6.26 4.79
C GLU B 87 -22.31 6.55 3.38
N LYS B 88 -23.28 6.75 2.51
CA LYS B 88 -23.11 7.32 1.20
C LYS B 88 -23.33 8.84 1.35
N ARG B 89 -22.28 9.60 1.02
CA ARG B 89 -22.19 11.01 1.29
C ARG B 89 -21.76 11.73 0.01
N GLY B 90 -21.81 13.06 0.08
CA GLY B 90 -21.44 13.95 -1.03
C GLY B 90 -22.57 14.04 -2.04
N THR B 91 -22.26 13.84 -3.33
CA THR B 91 -23.30 13.87 -4.37
C THR B 91 -23.15 12.65 -5.27
N SER B 92 -24.14 12.39 -6.11
CA SER B 92 -24.15 11.21 -6.99
C SER B 92 -23.12 11.32 -8.12
N VAL B 93 -22.53 12.49 -8.31
CA VAL B 93 -21.40 12.59 -9.24
C VAL B 93 -20.10 12.31 -8.48
N ASP B 94 -19.88 12.98 -7.35
CA ASP B 94 -18.71 12.71 -6.51
C ASP B 94 -19.14 12.02 -5.23
N VAL B 95 -19.30 10.69 -5.29
CA VAL B 95 -19.86 9.95 -4.15
C VAL B 95 -18.76 9.61 -3.15
N ASP B 96 -18.98 9.89 -1.87
CA ASP B 96 -18.06 9.49 -0.83
C ASP B 96 -18.71 8.30 -0.16
N LEU B 97 -18.02 7.15 -0.22
CA LEU B 97 -18.53 5.94 0.40
C LEU B 97 -17.70 5.63 1.66
N TRP B 98 -18.34 5.69 2.83
CA TRP B 98 -17.67 5.59 4.11
C TRP B 98 -18.16 4.39 4.86
N LEU B 99 -17.22 3.64 5.41
CA LEU B 99 -17.58 2.64 6.42
C LEU B 99 -16.71 2.86 7.67
N ILE B 100 -17.36 3.02 8.81
CA ILE B 100 -16.70 3.39 10.05
C ILE B 100 -16.77 2.19 11.01
N THR B 101 -15.57 1.82 11.49
CA THR B 101 -15.40 0.78 12.50
C THR B 101 -14.60 1.30 13.68
N ALA B 102 -14.50 0.47 14.73
CA ALA B 102 -13.51 0.70 15.77
C ALA B 102 -12.11 0.79 15.14
N PHE B 103 -11.22 1.50 15.82
CA PHE B 103 -9.82 1.60 15.50
C PHE B 103 -9.01 0.95 16.59
N HIS B 104 -8.06 0.13 16.19
CA HIS B 104 -7.19 -0.59 17.12
C HIS B 104 -5.76 -0.16 16.83
N GLU B 105 -5.13 0.45 17.81
CA GLU B 105 -3.82 1.11 17.61
C GLU B 105 -2.69 0.13 17.36
N LYS B 106 -2.85 -1.09 17.84
CA LYS B 106 -1.83 -2.12 17.54
C LYS B 106 -1.85 -2.55 16.07
N GLY B 107 -2.92 -2.20 15.36
CA GLY B 107 -3.10 -2.62 13.98
C GLY B 107 -3.43 -4.06 13.74
N SER B 108 -3.06 -4.51 12.54
CA SER B 108 -3.28 -5.89 12.15
C SER B 108 -2.24 -6.79 12.77
N LEU B 109 -2.58 -8.06 12.80
CA LEU B 109 -1.62 -9.08 13.17
C LEU B 109 -0.33 -8.98 12.37
N SER B 110 -0.47 -8.66 11.10
CA SER B 110 0.66 -8.49 10.21
C SER B 110 1.55 -7.36 10.66
N ASP B 111 0.95 -6.19 10.89
CA ASP B 111 1.67 -5.06 11.43
C ASP B 111 2.36 -5.42 12.77
N PHE B 112 1.66 -6.14 13.64
CA PHE B 112 2.14 -6.39 14.99
C PHE B 112 3.32 -7.34 14.91
N LEU B 113 3.19 -8.39 14.10
CA LEU B 113 4.22 -9.40 13.97
C LEU B 113 5.45 -8.91 13.23
N LYS B 114 5.30 -7.87 12.42
CA LYS B 114 6.46 -7.30 11.77
C LYS B 114 7.44 -6.70 12.81
N ALA B 115 6.89 -6.15 13.87
CA ALA B 115 7.63 -5.34 14.83
C ALA B 115 7.76 -6.00 16.19
N ASN B 116 7.02 -7.08 16.42
CA ASN B 116 6.94 -7.76 17.71
C ASN B 116 6.98 -9.30 17.58
N VAL B 117 7.49 -9.97 18.60
CA VAL B 117 7.33 -11.39 18.78
C VAL B 117 6.31 -11.63 19.87
N VAL B 118 5.87 -12.87 19.94
CA VAL B 118 4.90 -13.34 20.92
C VAL B 118 5.44 -14.55 21.70
N SER B 119 5.21 -14.56 23.01
CA SER B 119 5.39 -15.77 23.85
C SER B 119 4.40 -16.89 23.46
N TRP B 120 4.59 -18.09 24.03
CA TRP B 120 3.66 -19.19 23.80
C TRP B 120 2.25 -18.78 24.23
N ASN B 121 2.17 -18.18 25.42
CA ASN B 121 0.89 -17.84 25.98
C ASN B 121 0.26 -16.67 25.29
N GLU B 122 1.05 -15.71 24.78
CA GLU B 122 0.48 -14.64 23.94
C GLU B 122 -0.04 -15.24 22.60
N LEU B 123 0.71 -16.19 22.03
CA LEU B 123 0.28 -16.84 20.78
C LEU B 123 -1.03 -17.56 20.99
N CYS B 124 -1.13 -18.30 22.08
CA CYS B 124 -2.38 -18.99 22.37
C CYS B 124 -3.58 -18.04 22.44
N HIS B 125 -3.41 -16.90 23.09
CA HIS B 125 -4.50 -15.92 23.20
C HIS B 125 -4.94 -15.35 21.86
N ILE B 126 -3.98 -14.98 21.01
CA ILE B 126 -4.30 -14.44 19.71
C ILE B 126 -4.93 -15.54 18.83
N ALA B 127 -4.36 -16.74 18.85
CA ALA B 127 -4.90 -17.83 18.06
C ALA B 127 -6.32 -18.22 18.49
N GLU B 128 -6.56 -18.34 19.80
CA GLU B 128 -7.90 -18.73 20.29
C GLU B 128 -8.96 -17.68 19.90
N THR B 129 -8.66 -16.43 20.10
CA THR B 129 -9.59 -15.35 19.80
C THR B 129 -9.85 -15.20 18.31
N MET B 130 -8.80 -15.38 17.53
CA MET B 130 -8.92 -15.34 16.11
C MET B 130 -9.79 -16.48 15.62
N ALA B 131 -9.51 -17.69 16.09
CA ALA B 131 -10.27 -18.87 15.74
C ALA B 131 -11.72 -18.71 16.18
N ARG B 132 -11.97 -18.12 17.33
CA ARG B 132 -13.34 -17.86 17.81
C ARG B 132 -14.12 -16.93 16.89
N GLY B 133 -13.48 -15.85 16.47
CA GLY B 133 -14.02 -14.93 15.51
C GLY B 133 -14.34 -15.58 14.20
N LEU B 134 -13.44 -16.39 13.66
CA LEU B 134 -13.69 -17.07 12.36
C LEU B 134 -14.77 -18.15 12.52
N ALA B 135 -14.74 -18.90 13.62
CA ALA B 135 -15.81 -19.86 13.94
C ALA B 135 -17.18 -19.21 14.01
N TYR B 136 -17.28 -18.05 14.68
CA TYR B 136 -18.54 -17.31 14.71
C TYR B 136 -19.00 -16.83 13.33
N LEU B 137 -18.06 -16.32 12.54
CA LEU B 137 -18.39 -15.89 11.22
C LEU B 137 -18.97 -17.07 10.40
N HIS B 138 -18.36 -18.21 10.54
CA HIS B 138 -18.69 -19.40 9.77
C HIS B 138 -19.95 -20.08 10.24
N GLU B 139 -20.38 -19.77 11.46
CA GLU B 139 -21.48 -20.48 12.11
C GLU B 139 -22.86 -19.93 11.75
N ASP B 140 -23.74 -20.88 11.42
CA ASP B 140 -25.15 -20.65 11.24
C ASP B 140 -25.77 -20.56 12.62
N ILE B 141 -26.35 -19.42 12.93
CA ILE B 141 -26.92 -19.19 14.27
C ILE B 141 -28.39 -18.75 14.14
N PRO B 142 -29.30 -19.72 14.22
CA PRO B 142 -30.70 -19.32 14.25
C PRO B 142 -31.13 -18.74 15.58
N GLY B 143 -32.24 -18.03 15.56
CA GLY B 143 -32.95 -17.65 16.78
C GLY B 143 -32.44 -16.42 17.49
N LEU B 144 -31.72 -15.57 16.76
CA LEU B 144 -31.35 -14.27 17.29
C LEU B 144 -32.53 -13.31 17.30
N LYS B 145 -32.44 -12.30 18.15
CA LYS B 145 -33.43 -11.28 18.24
C LYS B 145 -33.68 -10.62 16.88
N ASP B 146 -32.60 -10.39 16.16
CA ASP B 146 -32.69 -9.73 14.87
C ASP B 146 -32.92 -10.70 13.72
N GLY B 147 -33.03 -12.02 13.94
CA GLY B 147 -33.16 -12.95 12.82
C GLY B 147 -32.24 -14.14 12.84
N HIS B 148 -31.94 -14.69 11.67
CA HIS B 148 -31.22 -15.97 11.59
C HIS B 148 -29.89 -15.62 10.97
N LYS B 149 -28.77 -15.83 11.67
CA LYS B 149 -27.47 -15.46 11.12
C LYS B 149 -26.98 -16.58 10.25
N PRO B 150 -26.75 -16.30 8.96
CA PRO B 150 -26.28 -17.37 8.08
C PRO B 150 -24.77 -17.61 8.27
N ALA B 151 -24.30 -18.78 7.88
CA ALA B 151 -22.88 -19.02 7.78
C ALA B 151 -22.36 -17.95 6.82
N ILE B 152 -21.20 -17.38 7.12
CA ILE B 152 -20.52 -16.42 6.23
C ILE B 152 -19.05 -16.87 5.92
N SER B 153 -18.74 -16.94 4.63
CA SER B 153 -17.37 -17.12 4.20
C SER B 153 -16.72 -15.75 4.06
N HIS B 154 -15.46 -15.66 4.47
CA HIS B 154 -14.74 -14.41 4.46
C HIS B 154 -14.07 -14.20 3.11
N ARG B 155 -13.39 -15.23 2.57
CA ARG B 155 -12.78 -15.21 1.20
C ARG B 155 -11.49 -14.43 1.05
N ASP B 156 -11.01 -13.80 2.14
CA ASP B 156 -9.67 -13.21 2.14
C ASP B 156 -9.01 -13.26 3.51
N ILE B 157 -9.01 -14.44 4.13
CA ILE B 157 -8.35 -14.62 5.40
C ILE B 157 -6.85 -14.46 5.24
N LYS B 158 -6.31 -13.56 6.05
CA LYS B 158 -4.89 -13.27 6.05
C LYS B 158 -4.58 -12.48 7.30
N SER B 159 -3.28 -12.39 7.63
CA SER B 159 -2.84 -11.68 8.82
C SER B 159 -3.17 -10.18 8.80
N LYS B 160 -3.25 -9.58 7.63
CA LYS B 160 -3.64 -8.17 7.51
C LYS B 160 -5.12 -7.95 7.85
N ASN B 161 -5.93 -9.01 7.84
CA ASN B 161 -7.36 -8.87 8.10
C ASN B 161 -7.77 -9.44 9.43
N VAL B 162 -6.80 -9.56 10.34
CA VAL B 162 -6.96 -9.85 11.75
C VAL B 162 -6.34 -8.68 12.50
N LEU B 163 -7.14 -7.98 13.32
CA LEU B 163 -6.74 -6.83 14.11
C LEU B 163 -6.60 -7.21 15.56
N LEU B 164 -5.61 -6.59 16.22
CA LEU B 164 -5.33 -6.82 17.61
C LEU B 164 -5.71 -5.65 18.51
N LYS B 165 -6.50 -5.98 19.54
CA LYS B 165 -6.86 -5.05 20.59
C LYS B 165 -5.64 -4.85 21.51
N ASN B 166 -5.75 -3.95 22.48
CA ASN B 166 -4.56 -3.65 23.30
C ASN B 166 -4.07 -4.81 24.11
N ASN B 167 -4.96 -5.70 24.52
CA ASN B 167 -4.57 -6.95 25.21
C ASN B 167 -4.27 -8.16 24.32
N LEU B 168 -4.10 -7.91 23.03
CA LEU B 168 -3.83 -8.96 21.99
C LEU B 168 -5.04 -9.81 21.60
N THR B 169 -6.22 -9.49 22.11
CA THR B 169 -7.46 -10.08 21.60
C THR B 169 -7.62 -9.76 20.12
N ALA B 170 -7.75 -10.83 19.31
CA ALA B 170 -7.95 -10.71 17.90
C ALA B 170 -9.40 -10.56 17.49
N CYS B 171 -9.58 -9.81 16.41
CA CYS B 171 -10.87 -9.78 15.73
C CYS B 171 -10.72 -9.82 14.21
N ILE B 172 -11.73 -10.44 13.60
CA ILE B 172 -11.77 -10.56 12.13
C ILE B 172 -12.32 -9.29 11.52
N ALA B 173 -11.63 -8.82 10.48
CA ALA B 173 -12.01 -7.62 9.77
C ALA B 173 -12.11 -7.84 8.26
N ASP B 174 -12.71 -6.85 7.62
CA ASP B 174 -12.77 -6.67 6.19
C ASP B 174 -13.64 -7.70 5.46
N PHE B 175 -14.92 -7.32 5.28
CA PHE B 175 -15.97 -8.17 4.74
C PHE B 175 -16.39 -7.79 3.33
N GLY B 176 -15.51 -7.06 2.62
CA GLY B 176 -15.74 -6.62 1.25
C GLY B 176 -15.93 -7.78 0.26
N LEU B 177 -15.33 -8.94 0.55
CA LEU B 177 -15.44 -10.12 -0.29
C LEU B 177 -16.32 -11.20 0.34
N ALA B 178 -16.82 -10.96 1.53
CA ALA B 178 -17.48 -12.03 2.29
C ALA B 178 -18.78 -12.44 1.60
N LEU B 179 -19.09 -13.73 1.67
CA LEU B 179 -20.33 -14.26 1.03
C LEU B 179 -21.09 -15.18 1.99
N LYS B 180 -22.36 -14.87 2.24
CA LYS B 180 -23.19 -15.71 3.13
C LYS B 180 -23.68 -16.95 2.39
N PHE B 181 -23.94 -18.02 3.14
CA PHE B 181 -24.65 -19.19 2.64
C PHE B 181 -25.88 -19.45 3.51
N GLU B 182 -27.03 -19.49 2.90
CA GLU B 182 -28.22 -19.85 3.65
C GLU B 182 -28.40 -21.37 3.90
N ALA B 183 -27.96 -22.20 2.96
CA ALA B 183 -28.11 -23.66 3.10
C ALA B 183 -26.77 -24.37 2.81
N GLY B 184 -26.79 -25.69 2.99
CA GLY B 184 -25.62 -26.54 2.72
C GLY B 184 -25.57 -27.09 1.31
N LYS B 185 -26.68 -26.94 0.56
CA LYS B 185 -26.81 -27.52 -0.78
C LYS B 185 -25.81 -26.94 -1.80
N SER B 186 -25.23 -27.80 -2.63
CA SER B 186 -24.33 -27.33 -3.68
C SER B 186 -25.07 -26.50 -4.74
N ALA B 187 -24.39 -25.50 -5.30
CA ALA B 187 -24.91 -24.67 -6.40
C ALA B 187 -24.04 -24.91 -7.64
N THR B 190 -18.01 -23.27 -9.59
CA THR B 190 -17.49 -21.90 -9.66
C THR B 190 -15.93 -21.80 -9.63
N HIS B 191 -15.40 -20.72 -10.21
CA HIS B 191 -13.99 -20.30 -10.10
C HIS B 191 -13.95 -19.21 -9.05
N GLY B 192 -12.96 -19.25 -8.17
CA GLY B 192 -13.00 -18.42 -7.00
C GLY B 192 -11.73 -17.77 -6.62
N GLN B 193 -11.05 -17.18 -7.61
CA GLN B 193 -9.80 -16.46 -7.38
C GLN B 193 -10.05 -14.97 -7.08
N VAL B 194 -10.60 -14.69 -5.91
CA VAL B 194 -10.95 -13.32 -5.52
C VAL B 194 -10.06 -12.76 -4.41
N GLY B 195 -9.50 -13.65 -3.59
CA GLY B 195 -8.67 -13.26 -2.47
C GLY B 195 -7.20 -13.03 -2.79
N THR B 196 -6.37 -13.05 -1.75
CA THR B 196 -4.95 -12.79 -1.87
C THR B 196 -4.28 -14.06 -2.32
N ARG B 197 -3.46 -13.94 -3.35
CA ARG B 197 -2.95 -15.12 -4.02
C ARG B 197 -2.10 -16.05 -3.14
N ARG B 198 -1.24 -15.49 -2.31
CA ARG B 198 -0.36 -16.37 -1.51
C ARG B 198 -1.13 -17.24 -0.53
N TYR B 199 -2.32 -16.79 -0.11
CA TYR B 199 -3.14 -17.57 0.79
C TYR B 199 -4.17 -18.49 0.16
N MET B 200 -4.14 -18.61 -1.15
CA MET B 200 -5.14 -19.36 -1.88
C MET B 200 -4.90 -20.86 -1.81
N ALA B 201 -5.93 -21.61 -1.39
CA ALA B 201 -5.88 -23.10 -1.32
C ALA B 201 -5.61 -23.72 -2.67
N PRO B 202 -5.07 -24.96 -2.68
CA PRO B 202 -4.75 -25.57 -3.96
C PRO B 202 -5.90 -25.58 -4.95
N GLU B 203 -7.09 -25.95 -4.50
CA GLU B 203 -8.25 -26.04 -5.38
C GLU B 203 -8.64 -24.67 -5.95
N VAL B 204 -8.32 -23.61 -5.24
CA VAL B 204 -8.59 -22.23 -5.77
C VAL B 204 -7.57 -21.91 -6.85
N LEU B 205 -6.32 -22.25 -6.57
CA LEU B 205 -5.24 -21.99 -7.52
C LEU B 205 -5.40 -22.75 -8.84
N GLU B 206 -5.96 -23.97 -8.74
CA GLU B 206 -6.22 -24.82 -9.89
C GLU B 206 -7.46 -24.36 -10.62
N GLY B 207 -8.23 -23.45 -10.02
CA GLY B 207 -9.39 -22.83 -10.64
C GLY B 207 -10.64 -23.70 -10.66
N ALA B 208 -10.82 -24.55 -9.66
CA ALA B 208 -11.80 -25.61 -9.85
C ALA B 208 -12.55 -25.90 -8.58
N ILE B 209 -13.56 -25.09 -8.24
CA ILE B 209 -14.19 -25.24 -6.91
C ILE B 209 -15.70 -25.41 -6.88
N ASN B 210 -16.16 -26.15 -5.89
CA ASN B 210 -17.59 -26.33 -5.63
C ASN B 210 -18.23 -25.06 -5.04
N PHE B 211 -19.37 -24.64 -5.60
CA PHE B 211 -20.09 -23.49 -5.09
C PHE B 211 -21.03 -23.95 -3.97
N GLN B 212 -20.45 -24.24 -2.83
CA GLN B 212 -21.16 -24.87 -1.72
C GLN B 212 -20.52 -24.35 -0.45
N ARG B 213 -21.33 -24.16 0.57
CA ARG B 213 -20.87 -23.61 1.85
C ARG B 213 -19.59 -24.23 2.37
N ASP B 214 -19.59 -25.54 2.57
CA ASP B 214 -18.42 -26.16 3.16
C ASP B 214 -17.17 -25.97 2.30
N ALA B 215 -17.29 -26.03 1.00
CA ALA B 215 -16.11 -25.81 0.16
C ALA B 215 -15.48 -24.45 0.45
N PHE B 216 -16.31 -23.43 0.58
CA PHE B 216 -15.77 -22.09 0.82
C PHE B 216 -15.19 -21.95 2.21
N LEU B 217 -15.82 -22.59 3.21
CA LEU B 217 -15.27 -22.54 4.58
C LEU B 217 -13.89 -23.20 4.61
N ARG B 218 -13.72 -24.28 3.85
CA ARG B 218 -12.47 -25.00 3.79
C ARG B 218 -11.37 -24.17 3.17
N ILE B 219 -11.74 -23.30 2.25
CA ILE B 219 -10.80 -22.40 1.64
C ILE B 219 -10.33 -21.36 2.68
N ASP B 220 -11.25 -20.85 3.49
CA ASP B 220 -10.88 -19.95 4.62
C ASP B 220 -9.97 -20.69 5.62
N MET B 221 -10.25 -21.97 5.91
CA MET B 221 -9.48 -22.71 6.92
C MET B 221 -8.06 -22.96 6.44
N TYR B 222 -7.90 -23.20 5.15
CA TYR B 222 -6.56 -23.32 4.57
C TYR B 222 -5.75 -22.05 4.85
N ALA B 223 -6.38 -20.87 4.60
CA ALA B 223 -5.74 -19.58 4.82
C ALA B 223 -5.40 -19.38 6.27
N MET B 224 -6.32 -19.82 7.13
CA MET B 224 -6.11 -19.60 8.51
C MET B 224 -4.89 -20.44 9.01
N GLY B 225 -4.69 -21.63 8.44
CA GLY B 225 -3.49 -22.43 8.69
C GLY B 225 -2.23 -21.62 8.43
N LEU B 226 -2.24 -20.89 7.30
CA LEU B 226 -1.10 -20.01 7.03
C LEU B 226 -0.94 -18.91 8.06
N VAL B 227 -2.05 -18.37 8.54
CA VAL B 227 -1.97 -17.31 9.54
C VAL B 227 -1.42 -17.89 10.84
N LEU B 228 -1.88 -19.07 11.24
CA LEU B 228 -1.32 -19.75 12.38
C LEU B 228 0.19 -19.94 12.23
N TRP B 229 0.63 -20.27 11.01
CA TRP B 229 2.06 -20.47 10.78
C TRP B 229 2.79 -19.12 11.03
N GLU B 230 2.20 -18.01 10.57
CA GLU B 230 2.80 -16.67 10.80
C GLU B 230 3.04 -16.40 12.27
N LEU B 231 2.00 -16.63 13.08
CA LEU B 231 2.16 -16.62 14.55
C LEU B 231 3.28 -17.53 15.04
N ALA B 232 3.31 -18.78 14.62
CA ALA B 232 4.31 -19.70 15.08
C ALA B 232 5.74 -19.23 14.71
N SER B 233 5.82 -18.61 13.54
CA SER B 233 7.06 -18.09 13.05
C SER B 233 7.65 -16.95 13.87
N ARG B 234 6.84 -16.24 14.67
CA ARG B 234 7.33 -15.13 15.43
C ARG B 234 7.09 -15.42 16.92
N CYS B 235 7.12 -16.69 17.27
CA CYS B 235 6.87 -17.17 18.60
C CYS B 235 8.18 -17.55 19.34
N THR B 236 8.30 -17.12 20.60
CA THR B 236 9.52 -17.36 21.39
C THR B 236 9.48 -18.63 22.25
N ALA B 237 8.49 -19.48 22.04
CA ALA B 237 8.35 -20.73 22.80
C ALA B 237 9.62 -21.55 22.64
N ALA B 238 10.05 -22.18 23.72
CA ALA B 238 11.29 -22.96 23.73
C ALA B 238 12.54 -22.11 23.51
N ASP B 239 12.38 -20.80 23.32
CA ASP B 239 13.53 -19.93 23.32
C ASP B 239 14.53 -20.20 22.20
N GLY B 240 14.01 -20.26 20.99
CA GLY B 240 14.89 -20.50 19.86
C GLY B 240 15.08 -19.26 19.03
N PRO B 241 15.77 -19.39 17.89
CA PRO B 241 15.97 -18.29 16.96
C PRO B 241 14.63 -17.89 16.30
N VAL B 242 14.36 -16.59 16.23
CA VAL B 242 13.20 -16.10 15.57
C VAL B 242 13.68 -15.14 14.49
N ASP B 243 13.27 -15.39 13.24
CA ASP B 243 13.72 -14.55 12.14
C ASP B 243 12.82 -13.37 12.00
N GLU B 244 13.24 -12.45 11.14
CA GLU B 244 12.42 -11.31 10.79
C GLU B 244 11.12 -11.83 10.16
N TYR B 245 10.05 -11.09 10.33
CA TYR B 245 8.75 -11.51 9.85
C TYR B 245 8.80 -11.67 8.33
N MET B 246 8.31 -12.80 7.86
CA MET B 246 8.05 -12.98 6.45
C MET B 246 6.64 -13.49 6.15
N LEU B 247 6.13 -13.11 4.99
CA LEU B 247 4.85 -13.64 4.54
C LEU B 247 4.95 -15.16 4.29
N PRO B 248 3.83 -15.88 4.42
CA PRO B 248 3.77 -17.28 3.95
C PRO B 248 4.26 -17.38 2.50
N PHE B 249 5.14 -18.35 2.24
CA PHE B 249 5.75 -18.58 0.89
C PHE B 249 6.73 -17.55 0.43
N GLU B 250 6.99 -16.51 1.22
CA GLU B 250 7.86 -15.45 0.78
C GLU B 250 9.31 -15.96 0.57
N GLU B 251 9.74 -16.83 1.46
CA GLU B 251 11.05 -17.46 1.37
C GLU B 251 11.17 -18.29 0.09
N GLU B 252 10.11 -19.02 -0.26
CA GLU B 252 10.13 -19.89 -1.44
C GLU B 252 9.94 -19.13 -2.77
N ILE B 253 9.09 -18.08 -2.80
CA ILE B 253 8.73 -17.41 -4.08
C ILE B 253 8.53 -15.90 -4.03
N GLY B 254 8.91 -15.28 -2.92
CA GLY B 254 9.00 -13.84 -2.86
C GLY B 254 7.71 -13.19 -2.44
N GLN B 255 7.69 -11.87 -2.56
CA GLN B 255 6.60 -11.05 -2.07
C GLN B 255 5.46 -10.89 -3.07
N HIS B 256 5.74 -11.13 -4.34
CA HIS B 256 4.75 -10.91 -5.39
C HIS B 256 4.70 -12.12 -6.34
N PRO B 257 4.31 -13.28 -5.81
CA PRO B 257 4.35 -14.43 -6.73
C PRO B 257 3.31 -14.38 -7.84
N SER B 258 3.65 -15.01 -8.97
CA SER B 258 2.69 -15.23 -10.04
C SER B 258 1.79 -16.42 -9.69
N LEU B 259 0.67 -16.54 -10.38
CA LEU B 259 -0.17 -17.72 -10.26
C LEU B 259 0.61 -18.99 -10.50
N GLU B 260 1.42 -18.99 -11.55
CA GLU B 260 2.19 -20.18 -11.90
C GLU B 260 3.17 -20.55 -10.78
N ASP B 261 3.82 -19.53 -10.20
CA ASP B 261 4.70 -19.73 -9.05
C ASP B 261 3.92 -20.45 -7.93
N MET B 262 2.74 -19.93 -7.62
CA MET B 262 1.92 -20.54 -6.56
C MET B 262 1.46 -21.95 -6.91
N GLN B 263 1.04 -22.18 -8.14
CA GLN B 263 0.58 -23.51 -8.51
C GLN B 263 1.75 -24.45 -8.37
N GLU B 264 2.92 -24.00 -8.79
CA GLU B 264 4.12 -24.85 -8.77
C GLU B 264 4.43 -25.28 -7.36
N VAL B 265 4.41 -24.33 -6.44
CA VAL B 265 4.80 -24.62 -5.06
C VAL B 265 3.71 -25.33 -4.26
N VAL B 266 2.49 -24.82 -4.33
CA VAL B 266 1.37 -25.30 -3.47
C VAL B 266 0.67 -26.53 -4.05
N VAL B 267 0.40 -26.50 -5.35
CA VAL B 267 -0.35 -27.58 -6.02
C VAL B 267 0.59 -28.72 -6.41
N HIS B 268 1.63 -28.43 -7.20
CA HIS B 268 2.42 -29.50 -7.77
C HIS B 268 3.42 -30.12 -6.77
N LYS B 269 4.04 -29.27 -5.96
CA LYS B 269 5.00 -29.78 -5.00
C LYS B 269 4.34 -30.01 -3.64
N LYS B 270 3.09 -29.57 -3.47
CA LYS B 270 2.42 -29.69 -2.18
C LYS B 270 3.29 -29.18 -1.04
N LYS B 271 3.99 -28.08 -1.27
CA LYS B 271 4.84 -27.53 -0.22
C LYS B 271 4.07 -26.46 0.56
N ARG B 272 4.51 -26.26 1.79
CA ARG B 272 3.95 -25.29 2.68
C ARG B 272 5.08 -24.57 3.42
N PRO B 273 4.77 -23.46 4.09
CA PRO B 273 5.80 -22.80 4.89
C PRO B 273 6.42 -23.79 5.87
N VAL B 274 7.71 -23.61 6.13
CA VAL B 274 8.48 -24.56 6.91
C VAL B 274 8.05 -24.62 8.38
N LEU B 275 7.80 -25.83 8.87
CA LEU B 275 7.58 -26.04 10.30
C LEU B 275 8.90 -26.49 10.95
N ARG B 276 9.48 -25.63 11.78
CA ARG B 276 10.85 -25.79 12.24
C ARG B 276 11.01 -27.04 13.08
N ASP B 277 12.07 -27.80 12.85
CA ASP B 277 12.40 -28.97 13.72
C ASP B 277 12.39 -28.68 15.23
N TYR B 278 13.08 -27.64 15.67
CA TYR B 278 13.14 -27.36 17.11
C TYR B 278 11.77 -27.11 17.73
N TRP B 279 10.80 -26.66 16.93
CA TRP B 279 9.43 -26.45 17.46
C TRP B 279 8.81 -27.71 18.03
N GLN B 280 9.23 -28.88 17.52
CA GLN B 280 8.68 -30.17 17.96
C GLN B 280 9.07 -30.55 19.39
N LYS B 281 10.08 -29.88 19.94
CA LYS B 281 10.54 -30.08 21.31
C LYS B 281 9.69 -29.42 22.40
N HIS B 282 8.77 -28.52 22.00
CA HIS B 282 7.84 -27.85 22.91
C HIS B 282 6.48 -28.48 22.64
N ALA B 283 5.91 -29.14 23.65
CA ALA B 283 4.63 -29.84 23.53
C ALA B 283 3.56 -29.03 22.87
N GLY B 284 3.46 -27.78 23.25
CA GLY B 284 2.45 -26.87 22.71
C GLY B 284 2.67 -26.62 21.25
N MET B 285 3.87 -26.18 20.91
CA MET B 285 4.19 -25.89 19.53
C MET B 285 4.03 -27.14 18.67
N ALA B 286 4.35 -28.33 19.22
CA ALA B 286 4.21 -29.57 18.43
C ALA B 286 2.75 -29.76 18.10
N MET B 287 1.88 -29.53 19.08
CA MET B 287 0.46 -29.67 18.84
C MET B 287 -0.05 -28.60 17.88
N LEU B 288 0.46 -27.38 18.01
CA LEU B 288 0.12 -26.29 17.06
C LEU B 288 0.45 -26.70 15.62
N CYS B 289 1.63 -27.24 15.45
CA CYS B 289 2.12 -27.72 14.16
C CYS B 289 1.21 -28.79 13.55
N GLU B 290 0.75 -29.76 14.34
CA GLU B 290 -0.18 -30.78 13.82
C GLU B 290 -1.47 -30.10 13.39
N THR B 291 -1.95 -29.15 14.19
CA THR B 291 -3.16 -28.42 13.83
C THR B 291 -3.00 -27.63 12.55
N ILE B 292 -1.86 -26.95 12.41
CA ILE B 292 -1.61 -26.23 11.19
C ILE B 292 -1.65 -27.15 9.97
N GLU B 293 -1.00 -28.30 10.06
CA GLU B 293 -0.98 -29.24 8.96
C GLU B 293 -2.36 -29.74 8.56
N GLU B 294 -3.22 -29.97 9.53
CA GLU B 294 -4.61 -30.31 9.19
C GLU B 294 -5.34 -29.15 8.54
N CYS B 295 -5.02 -27.91 8.89
CA CYS B 295 -5.68 -26.77 8.25
C CYS B 295 -5.24 -26.63 6.79
N TRP B 296 -3.96 -26.88 6.49
CA TRP B 296 -3.51 -26.58 5.12
C TRP B 296 -3.43 -27.79 4.18
N ASP B 297 -4.06 -28.89 4.59
CA ASP B 297 -4.00 -30.16 3.84
C ASP B 297 -4.47 -29.93 2.41
N HIS B 298 -3.82 -30.61 1.46
CA HIS B 298 -4.18 -30.55 0.05
C HIS B 298 -5.63 -30.97 -0.11
N ASP B 299 -6.04 -31.97 0.66
CA ASP B 299 -7.39 -32.49 0.67
C ASP B 299 -8.28 -31.59 1.53
N ALA B 300 -9.13 -30.85 0.85
CA ALA B 300 -10.02 -29.91 1.50
C ALA B 300 -10.91 -30.57 2.55
N GLU B 301 -11.40 -31.75 2.27
CA GLU B 301 -12.32 -32.42 3.18
C GLU B 301 -11.64 -32.87 4.46
N ALA B 302 -10.33 -32.95 4.42
CA ALA B 302 -9.52 -33.31 5.57
C ALA B 302 -9.23 -32.10 6.47
N ARG B 303 -9.56 -30.89 6.02
CA ARG B 303 -9.20 -29.72 6.81
C ARG B 303 -10.09 -29.61 8.07
N LEU B 304 -9.50 -29.15 9.16
CA LEU B 304 -10.26 -28.91 10.37
C LEU B 304 -11.20 -27.74 10.19
N SER B 305 -12.33 -27.77 10.87
CA SER B 305 -13.23 -26.61 10.95
C SER B 305 -12.70 -25.52 11.90
N ALA B 306 -13.23 -24.30 11.77
CA ALA B 306 -12.80 -23.20 12.60
C ALA B 306 -13.06 -23.52 14.07
N GLY B 307 -14.17 -24.19 14.33
CA GLY B 307 -14.49 -24.58 15.72
C GLY B 307 -13.62 -25.71 16.28
N CYS B 308 -13.33 -26.71 15.46
CA CYS B 308 -12.31 -27.68 15.79
C CYS B 308 -10.94 -27.05 16.07
N VAL B 309 -10.55 -26.03 15.28
CA VAL B 309 -9.24 -25.40 15.50
C VAL B 309 -9.26 -24.72 16.87
N GLY B 310 -10.34 -23.99 17.16
CA GLY B 310 -10.54 -23.36 18.48
C GLY B 310 -10.39 -24.27 19.69
N GLU B 311 -10.99 -25.44 19.61
CA GLU B 311 -10.80 -26.51 20.58
C GLU B 311 -9.34 -26.97 20.68
N ARG B 312 -8.70 -27.23 19.54
CA ARG B 312 -7.27 -27.56 19.55
C ARG B 312 -6.46 -26.48 20.26
N ILE B 313 -6.78 -25.20 20.07
CA ILE B 313 -5.98 -24.14 20.70
C ILE B 313 -6.16 -24.20 22.20
N THR B 314 -7.39 -24.46 22.63
CA THR B 314 -7.71 -24.57 24.05
C THR B 314 -6.92 -25.73 24.71
N GLN B 315 -6.89 -26.89 24.08
CA GLN B 315 -6.11 -28.02 24.60
C GLN B 315 -4.60 -27.71 24.69
N MET B 316 -4.04 -27.12 23.65
CA MET B 316 -2.60 -26.93 23.64
C MET B 316 -2.19 -25.86 24.71
N GLN B 317 -3.06 -24.88 24.96
CA GLN B 317 -2.88 -23.80 25.96
C GLN B 317 -2.71 -24.38 27.38
N ARG B 318 -3.36 -25.52 27.60
CA ARG B 318 -3.37 -26.22 28.89
C ARG B 318 -2.08 -26.98 29.25
N LEU B 319 -1.21 -27.24 28.28
CA LEU B 319 -0.05 -28.12 28.48
C LEU B 319 1.01 -27.49 29.38
C1 TAK C . 20.35 -1.28 -4.25
C2 TAK C . 20.83 -2.27 -3.16
C3 TAK C . 22.01 -3.12 -3.66
C4 TAK C . 23.11 -2.26 -4.33
C5 TAK C . 22.53 -1.25 -5.35
N1 TAK C . 21.48 -0.42 -4.70
C6 TAK C . 20.96 0.60 -5.64
C7 TAK C . 21.78 1.92 -5.64
O1 TAK C . 22.08 2.52 -4.34
C8 TAK C . 21.26 3.53 -3.90
C9 TAK C . 20.69 3.41 -2.63
C10 TAK C . 19.87 4.43 -2.13
C11 TAK C . 21.00 4.68 -4.68
C12 TAK C . 20.15 5.69 -4.16
C13 TAK C . 19.56 5.58 -2.88
C14 TAK C . 18.71 6.58 -2.34
C15 TAK C . 17.91 6.29 -1.21
C16 TAK C . 18.57 7.86 -2.90
N2 TAK C . 17.77 8.81 -2.37
C17 TAK C . 17.03 8.57 -1.27
N3 TAK C . 17.08 7.30 -0.63
N4 TAK C . 16.32 7.30 0.35
C18 TAK C . 15.73 8.51 0.46
C19 TAK C . 16.15 9.33 -0.52
C20 TAK C . 15.76 10.68 -0.78
C21 TAK C . 15.58 11.60 0.26
C22 TAK C . 15.15 12.91 -0.04
N5 TAK C . 14.97 13.34 -1.30
C23 TAK C . 15.16 12.49 -2.31
C24 TAK C . 15.55 11.15 -2.09
S SO4 D . 12.45 0.02 3.67
O1 SO4 D . 11.60 0.93 4.46
O2 SO4 D . 13.60 -0.39 4.45
O3 SO4 D . 11.57 -1.11 3.35
O4 SO4 D . 13.03 0.64 2.47
S SO4 E . 17.30 18.55 -17.10
O1 SO4 E . 17.53 17.58 -16.06
O2 SO4 E . 18.54 18.77 -17.87
O3 SO4 E . 16.26 18.07 -17.99
O4 SO4 E . 16.83 19.83 -16.57
C1 EDO F . 4.02 24.87 -2.25
O1 EDO F . 3.30 25.82 -3.03
C2 EDO F . 4.87 25.51 -1.16
O2 EDO F . 4.11 26.20 -0.16
C1 EDO G . -1.08 2.00 4.24
O1 EDO G . -1.29 3.11 3.38
C2 EDO G . 0.22 1.26 3.99
O2 EDO G . 0.38 1.16 2.56
C1 EDO H . 20.28 20.95 16.13
O1 EDO H . 19.19 20.15 15.59
C2 EDO H . 21.14 20.16 17.15
O2 EDO H . 20.35 19.49 18.15
C1 EDO I . 1.30 11.53 -29.42
O1 EDO I . 0.95 12.29 -30.60
C2 EDO I . 0.09 11.33 -28.53
O2 EDO I . -0.80 12.45 -28.64
C1 EDO J . 25.70 6.99 15.45
O1 EDO J . 26.40 7.36 16.66
C2 EDO J . 24.39 7.76 15.44
O2 EDO J . 23.55 7.29 16.50
C1 EDO K . -7.43 24.48 -0.23
O1 EDO K . -8.24 25.32 -1.07
C2 EDO K . -7.03 25.28 1.01
O2 EDO K . -5.84 24.72 1.56
C1 EDO L . 11.40 20.39 -37.29
O1 EDO L . 11.22 21.25 -36.15
C2 EDO L . 10.12 19.64 -37.66
O2 EDO L . 10.26 18.22 -37.58
C1 EDO M . 20.99 0.24 11.51
O1 EDO M . 19.64 -0.16 11.79
C2 EDO M . 21.86 -0.03 12.72
O2 EDO M . 23.07 0.71 12.55
C1 EDO N . 16.39 12.24 -17.03
O1 EDO N . 17.63 12.82 -17.40
C2 EDO N . 16.37 11.56 -15.66
O2 EDO N . 17.09 12.37 -14.72
C1 EDO O . 1.39 -1.82 1.47
O1 EDO O . 2.05 -1.70 0.19
C2 EDO O . 2.20 -2.70 2.43
O2 EDO O . 3.60 -2.34 2.40
O1 PG4 P . 29.77 10.03 21.27
C1 PG4 P . 29.39 9.07 22.28
C2 PG4 P . 28.84 9.78 23.52
O2 PG4 P . 27.87 10.80 23.21
C3 PG4 P . 26.61 10.50 23.84
C4 PG4 P . 25.58 11.60 23.61
O3 PG4 P . 24.55 11.23 22.69
C5 PG4 P . 23.23 11.64 23.13
C6 PG4 P . 23.11 13.13 23.48
O4 PG4 P . 21.79 13.66 23.19
C7 PG4 P . 21.31 14.86 23.84
C8 PG4 P . 19.83 14.55 24.21
O5 PG4 P . 19.26 15.36 25.27
C1 TAK Q . 3.78 1.45 12.87
C2 TAK Q . 4.94 2.10 12.11
C3 TAK Q . 5.33 3.46 12.74
C4 TAK Q . 4.12 4.40 12.90
C5 TAK Q . 2.95 3.71 13.62
N1 TAK Q . 2.69 2.42 12.99
C6 TAK Q . 1.99 1.74 14.12
C7 TAK Q . 1.08 0.61 13.61
O1 TAK Q . 0.55 0.99 12.31
C8 TAK Q . -0.78 0.71 12.14
C9 TAK Q . -1.18 0.04 10.99
C10 TAK Q . -2.53 -0.26 10.76
C11 TAK Q . -1.75 1.09 13.08
C12 TAK Q . -3.11 0.80 12.85
C13 TAK Q . -3.52 0.11 11.70
C14 TAK Q . -4.87 -0.20 11.45
C15 TAK Q . -5.85 -0.08 12.45
C16 TAK Q . -5.28 -0.63 10.17
N2 TAK Q . -6.55 -0.91 9.87
C17 TAK Q . -7.52 -0.81 10.82
N3 TAK Q . -7.18 -0.38 12.15
N4 TAK Q . -8.22 -0.34 12.84
C18 TAK Q . -9.27 -0.71 12.08
C19 TAK Q . -8.89 -0.99 10.82
C20 TAK Q . -9.71 -1.46 9.75
C21 TAK Q . -9.29 -2.42 8.81
C22 TAK Q . -10.18 -2.84 7.82
N5 TAK Q . -11.44 -2.37 7.75
C23 TAK Q . -11.88 -1.45 8.63
C24 TAK Q . -11.03 -0.99 9.64
S SO4 R . -8.34 -1.24 21.73
O1 SO4 R . -7.88 -2.26 22.68
O2 SO4 R . -8.01 0.12 22.15
O3 SO4 R . -7.72 -1.33 20.41
O4 SO4 R . -9.79 -1.44 21.63
S SO4 S . 15.36 -26.16 12.88
O1 SO4 S . 14.64 -26.59 14.07
O2 SO4 S . 16.47 -27.09 12.73
O3 SO4 S . 15.82 -24.79 13.12
O4 SO4 S . 14.53 -26.20 11.67
C1 EDO T . -22.90 -11.25 1.76
O1 EDO T . -23.26 -12.40 0.98
C2 EDO T . -23.62 -9.93 1.39
O2 EDO T . -25.05 -9.97 1.53
C1 EDO U . -0.01 -31.45 1.70
O1 EDO U . -1.26 -31.89 2.23
C2 EDO U . 0.50 -30.31 2.55
O2 EDO U . 0.74 -30.78 3.88
C1 EDO V . 8.85 -9.53 4.49
O1 EDO V . 7.76 -9.05 5.27
C2 EDO V . 10.19 -8.88 4.85
O2 EDO V . 11.15 -9.31 3.87
C1 EDO W . -28.82 12.14 10.14
O1 EDO W . -29.98 11.46 10.66
C2 EDO W . -27.63 11.32 10.58
O2 EDO W . -27.56 11.28 12.02
C1 EDO X . -3.66 -4.64 0.45
O1 EDO X . -4.82 -4.98 -0.34
C2 EDO X . -3.80 -5.09 1.90
O2 EDO X . -4.89 -6.00 2.09
C1 EDO Y . -20.47 20.93 16.95
O1 EDO Y . -20.60 21.83 18.06
C2 EDO Y . -18.99 20.69 16.66
O2 EDO Y . -18.56 21.43 15.50
C1 EDO Z . 0.30 -10.17 -0.16
O1 EDO Z . 0.52 -11.46 0.38
C2 EDO Z . 1.42 -9.87 -1.09
O2 EDO Z . 2.11 -11.07 -0.96
C1 EDO AA . -1.24 -7.45 -0.86
O1 EDO AA . -2.43 -8.25 -0.99
C2 EDO AA . -0.92 -7.33 0.63
O2 EDO AA . -1.79 -8.23 1.31
C1 EDO BA . -1.29 -14.11 -13.04
O1 EDO BA . -1.55 -12.73 -12.80
C2 EDO BA . 0.20 -14.23 -12.84
O2 EDO BA . 0.68 -12.91 -12.84
C1 EDO CA . -21.50 15.79 3.03
O1 EDO CA . -22.42 14.82 3.53
C2 EDO CA . -21.80 17.12 3.73
O2 EDO CA . -21.76 16.92 5.15
C1 EDO DA . 5.63 -21.60 28.62
O1 EDO DA . 5.18 -22.72 27.91
C2 EDO DA . 6.21 -20.75 27.56
O2 EDO DA . 6.68 -21.81 26.69
#